data_9JWJ
#
_entry.id   9JWJ
#
_cell.length_a   92.279
_cell.length_b   98.562
_cell.length_c   139.597
_cell.angle_alpha   90.00
_cell.angle_beta   90.00
_cell.angle_gamma   90.00
#
_symmetry.space_group_name_H-M   'P 21 21 21'
#
loop_
_entity.id
_entity.type
_entity.pdbx_description
1 polymer 'Histone deacetylase 2'
2 non-polymer 'ZINC ION'
3 non-polymer 'CALCIUM ION'
4 non-polymer N-(2-amino-5-(furan-2-yl)phenyl)-4-(1-((phenylsulfonyl)methyl)-1H-1,2,3-triazol-4-yl)benzamid
5 non-polymer 1,2-ETHANEDIOL
6 non-polymer DI(HYDROXYETHYL)ETHER
7 non-polymer 'TRIETHYLENE GLYCOL'
8 non-polymer 'TETRAETHYLENE GLYCOL'
9 non-polymer GLYCEROL
10 water water
#
_entity_poly.entity_id   1
_entity_poly.type   'polypeptide(L)'
_entity_poly.pdbx_seq_one_letter_code
;MAYSQGGGKKKVCYYYDGDIGNYYYGQGHPMKPHRIRMTHNLLLNYGLYRKMEIYRPHKATAEEMTKYHSDEYIKFLRSI
RPDNMSEYSKQMQRFNVGEDCPVFDGLFEFCQLSTGGSVAGAVKLNRQQTDMAVNWAGGLHHAKKSEASGFCYVNDIVLA
ILELLKYHQRVLYIDIDIHHGDGVEEAFYTTDRVMTVSFHKYGEYFPGTGDLRDIGAGKGKYYAVNFPMRDGIDDESYGQ
IFKPIISKVMEMYQPSAVVLQCGADSLSGDRLGCFNLTVKGHAKCVEVVKTFNLPLLMLGGGGYTIRNVARCWTYETAVA
LDCEIPNELPYNDYFEYFGPDFKLHISPSNMTNQNTPEYMEKIKQRLFENLRMLPHAPGVQMQAIPEDAVHEDSGDEDGE
DPDK
;
_entity_poly.pdbx_strand_id   A,B,C
#
loop_
_chem_comp.id
_chem_comp.type
_chem_comp.name
_chem_comp.formula
A1L4X non-polymer N-(2-amino-5-(furan-2-yl)phenyl)-4-(1-((phenylsulfonyl)methyl)-1H-1,2,3-triazol-4-yl)benzamid 'C26 H21 N5 O4 S'
CA non-polymer 'CALCIUM ION' 'Ca 2'
EDO non-polymer 1,2-ETHANEDIOL 'C2 H6 O2'
GOL non-polymer GLYCEROL 'C3 H8 O3'
PEG non-polymer DI(HYDROXYETHYL)ETHER 'C4 H10 O3'
PG4 non-polymer 'TETRAETHYLENE GLYCOL' 'C8 H18 O5'
PGE non-polymer 'TRIETHYLENE GLYCOL' 'C6 H14 O4'
ZN non-polymer 'ZINC ION' 'Zn 2'
#
# COMPACT_ATOMS: atom_id res chain seq x y z
N GLY A 8 -25.77 -25.64 -13.95
CA GLY A 8 -27.18 -25.19 -13.67
C GLY A 8 -27.57 -25.15 -12.19
N LYS A 9 -28.86 -25.35 -11.93
CA LYS A 9 -29.49 -25.29 -10.59
C LYS A 9 -29.14 -26.48 -9.69
N LYS A 10 -28.98 -26.22 -8.40
CA LYS A 10 -28.57 -27.28 -7.44
C LYS A 10 -29.70 -27.87 -6.58
N LYS A 11 -29.48 -29.07 -6.05
CA LYS A 11 -30.27 -29.52 -4.95
C LYS A 11 -29.81 -28.75 -3.69
N VAL A 12 -30.73 -28.13 -2.94
CA VAL A 12 -30.36 -27.45 -1.68
C VAL A 12 -31.05 -28.12 -0.51
N CYS A 13 -30.32 -28.52 0.51
CA CYS A 13 -30.90 -29.08 1.73
C CYS A 13 -30.75 -27.96 2.78
N TYR A 14 -31.80 -27.66 3.53
CA TYR A 14 -31.82 -26.55 4.51
C TYR A 14 -32.16 -27.07 5.94
N TYR A 15 -31.40 -26.69 6.98
CA TYR A 15 -31.59 -27.20 8.31
C TYR A 15 -32.19 -26.13 9.21
N TYR A 16 -33.24 -26.48 9.92
CA TYR A 16 -33.85 -25.49 10.82
C TYR A 16 -34.55 -26.19 11.96
N ASP A 17 -34.24 -25.77 13.17
CA ASP A 17 -35.05 -26.23 14.31
C ASP A 17 -35.92 -25.12 14.85
N GLY A 18 -37.23 -25.31 14.81
CA GLY A 18 -38.19 -24.31 15.28
C GLY A 18 -38.01 -23.90 16.74
N ASP A 19 -37.24 -24.64 17.50
CA ASP A 19 -36.94 -24.28 18.90
C ASP A 19 -35.81 -23.23 19.06
N ILE A 20 -35.00 -23.11 18.02
CA ILE A 20 -33.74 -22.32 18.12
C ILE A 20 -34.04 -20.89 18.56
N GLY A 21 -35.15 -20.34 18.08
CA GLY A 21 -35.49 -18.98 18.38
C GLY A 21 -35.83 -18.68 19.81
N ASN A 22 -36.06 -19.72 20.64
CA ASN A 22 -36.38 -19.51 22.05
C ASN A 22 -35.19 -19.38 22.98
N TYR A 23 -34.00 -19.68 22.48
CA TYR A 23 -32.84 -19.55 23.37
C TYR A 23 -32.50 -18.06 23.59
N TYR A 24 -32.19 -17.67 24.83
CA TYR A 24 -32.07 -16.26 25.16
C TYR A 24 -30.74 -16.07 25.88
N TYR A 25 -29.85 -15.25 25.30
CA TYR A 25 -28.57 -15.00 25.95
C TYR A 25 -28.69 -14.12 27.20
N GLY A 26 -29.83 -13.45 27.40
CA GLY A 26 -29.95 -12.61 28.58
C GLY A 26 -30.11 -11.15 28.29
N GLN A 27 -30.56 -10.40 29.30
CA GLN A 27 -30.92 -9.02 29.06
C GLN A 27 -29.78 -8.16 28.50
N GLY A 28 -30.05 -7.43 27.43
CA GLY A 28 -29.03 -6.57 26.83
C GLY A 28 -27.97 -7.29 25.99
N HIS A 29 -27.96 -8.63 25.97
CA HIS A 29 -26.89 -9.33 25.19
C HIS A 29 -27.22 -9.17 23.70
N PRO A 30 -26.22 -8.78 22.85
CA PRO A 30 -26.63 -8.50 21.50
C PRO A 30 -26.90 -9.76 20.61
N MET A 31 -26.56 -10.95 21.04
CA MET A 31 -26.80 -12.15 20.17
C MET A 31 -28.23 -12.58 20.45
N LYS A 32 -29.04 -12.62 19.41
CA LYS A 32 -30.49 -12.93 19.51
C LYS A 32 -30.81 -14.12 18.58
N PRO A 33 -30.85 -15.33 19.11
CA PRO A 33 -31.13 -16.51 18.26
C PRO A 33 -32.51 -16.44 17.56
N HIS A 34 -33.42 -15.59 18.06
CA HIS A 34 -34.66 -15.20 17.39
C HIS A 34 -34.46 -14.74 15.94
N ARG A 35 -33.28 -14.21 15.61
CA ARG A 35 -33.04 -13.83 14.24
C ARG A 35 -33.09 -15.02 13.26
N ILE A 36 -32.78 -16.24 13.75
CA ILE A 36 -32.86 -17.45 12.90
C ILE A 36 -34.35 -17.78 12.57
N ARG A 37 -35.20 -17.63 13.56
CA ARG A 37 -36.68 -17.77 13.34
C ARG A 37 -37.25 -16.71 12.43
N MET A 38 -36.75 -15.47 12.55
CA MET A 38 -37.16 -14.41 11.59
C MET A 38 -36.79 -14.79 10.17
N THR A 39 -35.53 -15.21 9.99
CA THR A 39 -35.02 -15.60 8.66
C THR A 39 -35.94 -16.70 8.10
N HIS A 40 -36.23 -17.72 8.92
CA HIS A 40 -37.01 -18.83 8.43
C HIS A 40 -38.41 -18.38 8.01
N ASN A 41 -39.00 -17.55 8.88
CA ASN A 41 -40.36 -17.11 8.57
C ASN A 41 -40.42 -16.29 7.30
N LEU A 42 -39.36 -15.49 7.07
CA LEU A 42 -39.36 -14.65 5.87
C LEU A 42 -39.21 -15.52 4.61
N LEU A 43 -38.26 -16.47 4.66
CA LEU A 43 -38.12 -17.33 3.55
C LEU A 43 -39.34 -18.25 3.27
N LEU A 44 -40.05 -18.72 4.31
CA LEU A 44 -41.33 -19.40 4.10
C LEU A 44 -42.35 -18.53 3.38
N ASN A 45 -42.43 -17.29 3.82
CA ASN A 45 -43.36 -16.38 3.23
C ASN A 45 -43.03 -15.98 1.82
N TYR A 46 -41.77 -16.11 1.38
CA TYR A 46 -41.47 -15.88 -0.04
C TYR A 46 -41.75 -17.11 -0.90
N GLY A 47 -42.05 -18.22 -0.26
CA GLY A 47 -42.32 -19.51 -0.91
C GLY A 47 -41.07 -20.33 -1.24
N LEU A 48 -39.92 -20.00 -0.65
CA LEU A 48 -38.68 -20.77 -0.94
C LEU A 48 -38.71 -22.21 -0.44
N TYR A 49 -39.67 -22.55 0.42
CA TYR A 49 -39.75 -23.93 0.92
C TYR A 49 -40.21 -24.87 -0.18
N ARG A 50 -40.87 -24.38 -1.21
CA ARG A 50 -41.28 -25.28 -2.33
C ARG A 50 -40.05 -25.78 -3.09
N LYS A 51 -38.95 -25.07 -2.96
CA LYS A 51 -37.84 -25.33 -3.84
C LYS A 51 -36.72 -26.07 -3.12
N MET A 52 -36.88 -26.37 -1.84
CA MET A 52 -35.76 -27.00 -1.17
C MET A 52 -36.20 -28.02 -0.16
N GLU A 53 -35.31 -28.91 0.26
CA GLU A 53 -35.67 -29.87 1.27
C GLU A 53 -35.33 -29.35 2.65
N ILE A 54 -36.34 -29.26 3.51
CA ILE A 54 -36.16 -28.71 4.83
C ILE A 54 -36.08 -29.85 5.86
N TYR A 55 -34.97 -29.93 6.56
CA TYR A 55 -34.70 -30.94 7.58
C TYR A 55 -34.48 -30.33 8.95
N ARG A 56 -34.81 -31.06 10.02
CA ARG A 56 -34.62 -30.60 11.34
C ARG A 56 -33.33 -31.25 11.77
N PRO A 57 -32.33 -30.44 12.22
CA PRO A 57 -31.05 -31.03 12.69
C PRO A 57 -31.33 -32.03 13.86
N HIS A 58 -30.54 -33.10 13.99
CA HIS A 58 -30.48 -33.81 15.26
C HIS A 58 -29.71 -33.03 16.33
N LYS A 59 -29.90 -33.38 17.58
CA LYS A 59 -29.03 -32.86 18.64
C LYS A 59 -27.67 -33.52 18.65
N ALA A 60 -26.62 -32.83 18.20
CA ALA A 60 -25.26 -33.44 18.20
C ALA A 60 -24.84 -33.94 19.59
N THR A 61 -24.16 -35.08 19.67
CA THR A 61 -23.85 -35.65 20.99
C THR A 61 -22.46 -35.22 21.47
N ALA A 62 -22.14 -35.51 22.72
CA ALA A 62 -20.76 -35.28 23.23
C ALA A 62 -19.72 -36.02 22.44
N GLU A 63 -20.03 -37.24 21.97
CA GLU A 63 -19.12 -37.99 21.11
C GLU A 63 -18.85 -37.15 19.88
N GLU A 64 -19.86 -36.45 19.36
CA GLU A 64 -19.62 -35.79 18.09
C GLU A 64 -18.73 -34.60 18.43
N MET A 65 -19.01 -33.91 19.54
CA MET A 65 -18.34 -32.58 19.81
C MET A 65 -16.87 -32.83 20.16
N THR A 66 -16.60 -33.99 20.77
CA THR A 66 -15.21 -34.28 21.16
C THR A 66 -14.38 -34.85 20.03
N LYS A 67 -14.89 -34.84 18.80
CA LYS A 67 -13.98 -35.03 17.68
C LYS A 67 -13.00 -33.82 17.60
N TYR A 68 -13.37 -32.73 18.24
CA TYR A 68 -12.50 -31.52 18.28
C TYR A 68 -12.28 -31.01 19.68
N HIS A 69 -13.36 -30.78 20.44
CA HIS A 69 -13.20 -30.10 21.68
C HIS A 69 -12.74 -31.10 22.77
N SER A 70 -12.15 -30.56 23.85
CA SER A 70 -11.70 -31.41 24.96
C SER A 70 -12.88 -32.07 25.71
N ASP A 71 -12.67 -33.30 26.13
CA ASP A 71 -13.71 -33.95 26.95
C ASP A 71 -14.03 -33.10 28.15
N GLU A 72 -13.05 -32.49 28.82
CA GLU A 72 -13.37 -31.66 30.01
C GLU A 72 -14.23 -30.45 29.73
N TYR A 73 -13.94 -29.80 28.60
CA TYR A 73 -14.76 -28.61 28.22
C TYR A 73 -16.20 -29.02 27.94
N ILE A 74 -16.39 -30.09 27.14
CA ILE A 74 -17.73 -30.52 26.72
C ILE A 74 -18.47 -31.05 27.96
N LYS A 75 -17.75 -31.75 28.86
CA LYS A 75 -18.45 -32.08 30.16
C LYS A 75 -18.93 -30.88 30.97
N PHE A 76 -18.13 -29.82 31.06
CA PHE A 76 -18.55 -28.58 31.70
C PHE A 76 -19.77 -28.01 30.99
N LEU A 77 -19.72 -27.93 29.65
CA LEU A 77 -20.88 -27.35 28.92
C LEU A 77 -22.19 -28.14 29.19
N ARG A 78 -22.09 -29.47 29.26
CA ARG A 78 -23.27 -30.34 29.59
C ARG A 78 -23.79 -30.18 31.02
N SER A 79 -22.95 -29.63 31.91
CA SER A 79 -23.23 -29.60 33.38
C SER A 79 -23.70 -28.25 33.88
N ILE A 80 -23.17 -27.17 33.28
CA ILE A 80 -23.35 -25.81 33.83
C ILE A 80 -24.77 -25.24 33.53
N ARG A 81 -25.40 -24.60 34.53
CA ARG A 81 -26.80 -24.08 34.49
C ARG A 81 -26.86 -22.80 35.31
N PRO A 82 -27.85 -21.90 35.02
CA PRO A 82 -27.96 -20.72 35.87
C PRO A 82 -28.07 -21.04 37.37
N ASP A 83 -28.67 -22.18 37.71
CA ASP A 83 -28.91 -22.57 39.12
C ASP A 83 -27.67 -23.14 39.83
N ASN A 84 -26.75 -23.76 39.08
CA ASN A 84 -25.50 -24.26 39.71
C ASN A 84 -24.22 -23.42 39.47
N MET A 85 -24.38 -22.26 38.83
CA MET A 85 -23.23 -21.39 38.50
C MET A 85 -22.28 -21.18 39.65
N SER A 86 -22.86 -20.91 40.82
CA SER A 86 -22.08 -20.56 42.00
C SER A 86 -21.13 -21.66 42.46
N GLU A 87 -21.38 -22.91 42.07
CA GLU A 87 -20.48 -24.03 42.36
C GLU A 87 -19.34 -24.17 41.33
N TYR A 88 -19.43 -23.42 40.24
CA TYR A 88 -18.53 -23.67 39.10
C TYR A 88 -17.67 -22.45 38.76
N SER A 89 -17.61 -21.52 39.70
CA SER A 89 -16.91 -20.23 39.56
C SER A 89 -15.50 -20.39 38.97
N LYS A 90 -14.79 -21.42 39.39
CA LYS A 90 -13.42 -21.69 38.92
C LYS A 90 -13.34 -22.14 37.45
N GLN A 91 -14.19 -23.11 37.12
CA GLN A 91 -14.26 -23.68 35.78
C GLN A 91 -14.78 -22.64 34.75
N MET A 92 -15.71 -21.80 35.19
CA MET A 92 -16.28 -20.76 34.35
C MET A 92 -15.11 -19.84 33.88
N GLN A 93 -14.18 -19.56 34.80
CA GLN A 93 -13.02 -18.78 34.41
C GLN A 93 -12.16 -19.53 33.43
N ARG A 94 -11.88 -20.80 33.72
CA ARG A 94 -11.02 -21.58 32.87
C ARG A 94 -11.52 -21.65 31.44
N PHE A 95 -12.86 -21.73 31.27
CA PHE A 95 -13.40 -22.08 29.96
C PHE A 95 -13.98 -20.86 29.30
N ASN A 96 -13.80 -19.70 29.97
CA ASN A 96 -14.17 -18.38 29.47
C ASN A 96 -15.69 -18.27 29.34
N VAL A 97 -16.40 -18.87 30.26
CA VAL A 97 -17.83 -18.74 30.27
C VAL A 97 -18.26 -17.83 31.41
N GLY A 98 -19.22 -16.94 31.14
CA GLY A 98 -19.85 -16.15 32.20
C GLY A 98 -20.04 -14.66 31.98
N GLU A 99 -19.34 -14.07 30.99
CA GLU A 99 -19.62 -12.66 30.60
C GLU A 99 -20.15 -12.44 29.15
N ASP A 100 -19.25 -12.37 28.18
CA ASP A 100 -19.55 -12.38 26.72
C ASP A 100 -20.27 -13.67 26.31
N CYS A 101 -19.93 -14.78 26.98
CA CYS A 101 -20.44 -16.09 26.63
C CYS A 101 -21.15 -16.53 27.89
N PRO A 102 -22.40 -16.06 28.09
CA PRO A 102 -23.04 -16.24 29.39
C PRO A 102 -23.56 -17.65 29.63
N VAL A 103 -23.89 -17.93 30.89
CA VAL A 103 -24.61 -19.19 31.16
C VAL A 103 -26.10 -18.85 31.00
N PHE A 104 -26.79 -19.51 30.07
CA PHE A 104 -28.23 -19.32 29.97
C PHE A 104 -28.99 -20.66 30.02
N ASP A 105 -30.28 -20.67 30.38
CA ASP A 105 -31.09 -21.90 30.29
C ASP A 105 -31.05 -22.56 28.90
N GLY A 106 -30.63 -23.83 28.81
CA GLY A 106 -30.66 -24.60 27.57
C GLY A 106 -29.41 -24.36 26.72
N LEU A 107 -28.38 -23.73 27.29
CA LEU A 107 -27.08 -23.53 26.60
C LEU A 107 -26.61 -24.76 25.89
N PHE A 108 -26.56 -25.91 26.58
CA PHE A 108 -26.03 -27.08 25.89
C PHE A 108 -26.87 -27.50 24.69
N GLU A 109 -28.20 -27.46 24.83
CA GLU A 109 -29.08 -27.78 23.75
C GLU A 109 -28.95 -26.86 22.54
N PHE A 110 -28.76 -25.56 22.78
CA PHE A 110 -28.49 -24.62 21.71
C PHE A 110 -27.21 -25.04 20.99
N CYS A 111 -26.17 -25.48 21.73
CA CYS A 111 -24.95 -25.93 21.05
C CYS A 111 -25.26 -27.18 20.23
N GLN A 112 -26.03 -28.09 20.81
CA GLN A 112 -26.29 -29.35 20.09
C GLN A 112 -27.03 -29.13 18.79
N LEU A 113 -27.94 -28.18 18.79
CA LEU A 113 -28.76 -27.87 17.59
C LEU A 113 -27.99 -27.14 16.55
N SER A 114 -27.17 -26.17 16.99
N SER A 114 -27.17 -26.18 16.98
N SER A 114 -27.17 -26.19 16.99
CA SER A 114 -26.31 -25.42 16.06
CA SER A 114 -26.40 -25.43 15.99
CA SER A 114 -26.35 -25.42 16.06
C SER A 114 -25.38 -26.41 15.35
C SER A 114 -25.34 -26.36 15.35
C SER A 114 -25.34 -26.35 15.37
N THR A 115 -24.71 -27.23 16.14
CA THR A 115 -23.76 -28.17 15.62
C THR A 115 -24.41 -29.25 14.78
N GLY A 116 -25.57 -29.74 15.23
CA GLY A 116 -26.18 -30.87 14.50
C GLY A 116 -26.50 -30.48 13.07
N GLY A 117 -26.89 -29.25 12.82
CA GLY A 117 -27.21 -28.87 11.44
C GLY A 117 -25.97 -28.86 10.54
N SER A 118 -24.86 -28.39 11.07
CA SER A 118 -23.63 -28.29 10.25
C SER A 118 -23.08 -29.67 9.95
N VAL A 119 -23.04 -30.50 10.97
CA VAL A 119 -22.50 -31.86 10.79
CA VAL A 119 -22.47 -31.83 10.75
C VAL A 119 -23.43 -32.69 9.89
N ALA A 120 -24.75 -32.54 10.08
CA ALA A 120 -25.72 -33.28 9.22
C ALA A 120 -25.57 -32.85 7.78
N GLY A 121 -25.33 -31.56 7.60
CA GLY A 121 -25.14 -31.03 6.25
C GLY A 121 -23.90 -31.61 5.62
N ALA A 122 -22.81 -31.69 6.39
CA ALA A 122 -21.53 -32.24 5.87
C ALA A 122 -21.75 -33.72 5.46
N VAL A 123 -22.48 -34.48 6.28
CA VAL A 123 -22.80 -35.89 5.92
C VAL A 123 -23.56 -35.98 4.59
N LYS A 124 -24.59 -35.16 4.42
CA LYS A 124 -25.35 -35.20 3.21
C LYS A 124 -24.48 -34.89 1.96
N LEU A 125 -23.62 -33.89 2.09
CA LEU A 125 -22.64 -33.60 1.07
C LEU A 125 -21.69 -34.77 0.75
N ASN A 126 -21.17 -35.40 1.81
CA ASN A 126 -20.20 -36.57 1.69
C ASN A 126 -20.90 -37.71 0.90
N ARG A 127 -22.19 -37.85 1.17
CA ARG A 127 -22.99 -38.90 0.53
C ARG A 127 -23.47 -38.56 -0.82
N GLN A 128 -23.17 -37.35 -1.28
CA GLN A 128 -23.60 -36.81 -2.55
C GLN A 128 -25.11 -36.83 -2.70
N GLN A 129 -25.78 -36.64 -1.56
CA GLN A 129 -27.20 -36.51 -1.54
C GLN A 129 -27.65 -35.07 -1.81
N THR A 130 -26.74 -34.09 -1.81
CA THR A 130 -27.10 -32.68 -2.08
C THR A 130 -25.90 -31.96 -2.68
N ASP A 131 -26.13 -30.87 -3.41
CA ASP A 131 -25.03 -30.09 -3.94
C ASP A 131 -24.68 -29.00 -2.88
N MET A 132 -25.71 -28.60 -2.12
CA MET A 132 -25.54 -27.45 -1.20
C MET A 132 -26.30 -27.74 0.07
N ALA A 133 -25.72 -27.41 1.24
CA ALA A 133 -26.48 -27.59 2.49
C ALA A 133 -26.36 -26.26 3.24
N VAL A 134 -27.44 -25.83 3.88
CA VAL A 134 -27.48 -24.49 4.47
C VAL A 134 -27.87 -24.71 5.94
N ASN A 135 -27.14 -24.08 6.89
CA ASN A 135 -27.50 -24.14 8.29
C ASN A 135 -27.26 -22.72 8.85
N TRP A 136 -28.28 -21.88 8.81
CA TRP A 136 -28.04 -20.52 9.32
C TRP A 136 -27.80 -20.45 10.81
N ALA A 137 -28.14 -21.47 11.57
CA ALA A 137 -27.88 -21.48 13.00
C ALA A 137 -26.42 -21.80 13.31
N GLY A 138 -25.63 -22.09 12.30
CA GLY A 138 -24.27 -22.48 12.51
C GLY A 138 -23.33 -21.30 12.23
N GLY A 139 -22.06 -21.61 11.96
CA GLY A 139 -21.06 -20.54 11.73
C GLY A 139 -20.41 -20.01 13.02
N LEU A 140 -20.24 -20.81 14.07
CA LEU A 140 -19.74 -20.27 15.36
C LEU A 140 -18.18 -20.29 15.40
N HIS A 141 -17.59 -19.37 14.65
CA HIS A 141 -16.19 -19.56 14.29
C HIS A 141 -15.22 -19.23 15.35
N HIS A 142 -15.65 -18.58 16.46
CA HIS A 142 -14.64 -18.19 17.46
C HIS A 142 -14.36 -19.27 18.52
N ALA A 143 -15.24 -20.27 18.63
CA ALA A 143 -14.99 -21.25 19.73
C ALA A 143 -13.70 -22.02 19.55
N LYS A 144 -13.02 -22.31 20.66
CA LYS A 144 -11.72 -22.96 20.64
C LYS A 144 -11.83 -24.34 21.25
N LYS A 145 -10.74 -25.08 21.20
N LYS A 145 -10.76 -25.12 21.18
CA LYS A 145 -10.75 -26.50 21.59
CA LYS A 145 -10.80 -26.52 21.64
C LYS A 145 -11.23 -26.65 23.06
C LYS A 145 -11.28 -26.64 23.08
N SER A 146 -10.77 -25.77 23.97
CA SER A 146 -11.20 -25.84 25.38
C SER A 146 -11.68 -24.54 25.94
N GLU A 147 -12.30 -23.69 25.10
CA GLU A 147 -12.69 -22.42 25.59
C GLU A 147 -13.81 -21.81 24.72
N ALA A 148 -14.78 -21.15 25.35
CA ALA A 148 -15.78 -20.36 24.66
C ALA A 148 -15.14 -19.03 24.23
N SER A 149 -15.74 -18.39 23.23
CA SER A 149 -15.22 -17.04 22.89
C SER A 149 -16.19 -16.34 21.97
N GLY A 150 -16.34 -15.02 22.12
CA GLY A 150 -17.12 -14.23 21.15
C GLY A 150 -18.57 -14.71 20.91
N PHE A 151 -19.23 -15.15 22.00
CA PHE A 151 -20.66 -15.62 22.04
C PHE A 151 -20.75 -17.07 21.57
N CYS A 152 -19.61 -17.69 21.22
CA CYS A 152 -19.61 -19.04 20.58
C CYS A 152 -19.11 -20.05 21.59
N TYR A 153 -19.72 -21.24 21.67
CA TYR A 153 -19.28 -22.26 22.62
C TYR A 153 -18.70 -23.51 21.96
N VAL A 154 -19.34 -23.97 20.93
CA VAL A 154 -18.87 -25.19 20.24
C VAL A 154 -18.63 -24.81 18.80
N ASN A 155 -17.46 -25.21 18.27
CA ASN A 155 -17.11 -24.85 16.89
C ASN A 155 -17.74 -25.79 15.85
N ASP A 156 -19.03 -25.56 15.47
CA ASP A 156 -19.70 -26.43 14.50
C ASP A 156 -18.95 -26.45 13.19
N ILE A 157 -18.23 -25.33 12.87
CA ILE A 157 -17.50 -25.32 11.61
C ILE A 157 -16.34 -26.29 11.56
N VAL A 158 -15.60 -26.33 12.64
CA VAL A 158 -14.44 -27.22 12.69
C VAL A 158 -14.99 -28.68 12.63
N LEU A 159 -16.04 -28.93 13.38
CA LEU A 159 -16.65 -30.30 13.37
C LEU A 159 -17.17 -30.67 12.01
N ALA A 160 -17.86 -29.75 11.30
CA ALA A 160 -18.31 -30.07 9.95
C ALA A 160 -17.13 -30.32 8.97
N ILE A 161 -16.09 -29.51 9.09
CA ILE A 161 -14.91 -29.70 8.21
C ILE A 161 -14.26 -31.04 8.52
N LEU A 162 -14.14 -31.39 9.78
CA LEU A 162 -13.61 -32.75 10.13
C LEU A 162 -14.42 -33.90 9.45
N GLU A 163 -15.75 -33.73 9.38
CA GLU A 163 -16.62 -34.69 8.69
C GLU A 163 -16.35 -34.66 7.20
N LEU A 164 -16.23 -33.46 6.59
CA LEU A 164 -15.86 -33.42 5.23
C LEU A 164 -14.54 -34.11 4.90
N LEU A 165 -13.57 -33.99 5.79
CA LEU A 165 -12.19 -34.50 5.53
C LEU A 165 -12.20 -36.04 5.49
N LYS A 166 -13.29 -36.67 5.94
CA LYS A 166 -13.39 -38.17 5.74
C LYS A 166 -13.49 -38.59 4.27
N TYR A 167 -14.03 -37.74 3.40
CA TYR A 167 -14.19 -38.04 1.98
C TYR A 167 -13.46 -37.11 1.04
N HIS A 168 -12.94 -36.01 1.58
CA HIS A 168 -12.34 -34.96 0.71
C HIS A 168 -10.95 -34.67 1.15
N GLN A 169 -10.01 -34.71 0.21
CA GLN A 169 -8.61 -34.54 0.57
C GLN A 169 -8.33 -33.07 0.98
N ARG A 170 -8.97 -32.12 0.31
CA ARG A 170 -8.73 -30.69 0.59
C ARG A 170 -10.10 -29.98 0.67
N VAL A 171 -10.22 -29.15 1.71
CA VAL A 171 -11.47 -28.43 1.94
C VAL A 171 -11.07 -26.93 2.03
N LEU A 172 -11.86 -26.07 1.39
CA LEU A 172 -11.56 -24.62 1.39
C LEU A 172 -12.61 -24.02 2.37
N TYR A 173 -12.17 -23.21 3.33
CA TYR A 173 -13.10 -22.54 4.21
C TYR A 173 -13.00 -21.03 3.85
N ILE A 174 -14.13 -20.34 3.73
CA ILE A 174 -14.13 -18.89 3.36
C ILE A 174 -15.04 -18.20 4.34
N ASP A 175 -14.54 -17.12 4.96
CA ASP A 175 -15.27 -16.52 6.07
C ASP A 175 -15.48 -15.04 5.75
N ILE A 176 -16.75 -14.60 5.54
CA ILE A 176 -17.05 -13.19 5.24
C ILE A 176 -17.79 -12.50 6.41
N ASP A 177 -17.82 -13.14 7.56
CA ASP A 177 -18.14 -12.43 8.85
C ASP A 177 -17.16 -11.21 8.99
N ILE A 178 -17.61 -10.10 9.56
CA ILE A 178 -16.66 -9.00 9.84
C ILE A 178 -15.47 -9.36 10.75
N HIS A 179 -15.61 -10.40 11.61
CA HIS A 179 -14.50 -10.77 12.51
C HIS A 179 -13.65 -11.85 11.88
N HIS A 180 -12.41 -11.93 12.36
CA HIS A 180 -11.52 -12.94 11.89
C HIS A 180 -11.99 -14.31 12.40
N GLY A 181 -12.00 -15.30 11.51
CA GLY A 181 -12.50 -16.63 11.90
C GLY A 181 -11.37 -17.38 12.65
N ASP A 182 -11.10 -16.99 13.88
CA ASP A 182 -9.87 -17.42 14.52
C ASP A 182 -9.93 -18.85 15.03
N GLY A 183 -11.12 -19.29 15.47
CA GLY A 183 -11.19 -20.67 16.01
C GLY A 183 -10.97 -21.65 14.87
N VAL A 184 -11.49 -21.34 13.67
CA VAL A 184 -11.33 -22.27 12.56
C VAL A 184 -9.88 -22.23 12.10
N GLU A 185 -9.34 -21.00 12.00
CA GLU A 185 -7.92 -20.89 11.56
C GLU A 185 -6.99 -21.64 12.46
N GLU A 186 -7.15 -21.49 13.76
CA GLU A 186 -6.28 -22.15 14.76
C GLU A 186 -6.37 -23.66 14.66
N ALA A 187 -7.60 -24.20 14.61
CA ALA A 187 -7.75 -25.68 14.45
C ALA A 187 -6.96 -26.25 13.26
N PHE A 188 -6.90 -25.52 12.13
CA PHE A 188 -6.28 -26.04 10.92
C PHE A 188 -4.94 -25.37 10.56
N TYR A 189 -4.34 -24.72 11.55
CA TYR A 189 -3.21 -23.81 11.26
C TYR A 189 -1.99 -24.56 10.78
N THR A 190 -1.88 -25.85 11.15
CA THR A 190 -0.67 -26.64 10.77
C THR A 190 -0.96 -27.71 9.74
N THR A 191 -2.09 -27.62 9.06
CA THR A 191 -2.34 -28.59 7.99
C THR A 191 -2.62 -27.95 6.67
N ASP A 192 -2.27 -28.64 5.58
CA ASP A 192 -2.61 -28.27 4.22
C ASP A 192 -3.89 -28.89 3.69
N ARG A 193 -4.58 -29.64 4.55
CA ARG A 193 -5.81 -30.24 4.08
C ARG A 193 -7.04 -29.34 4.27
N VAL A 194 -6.85 -28.19 4.92
CA VAL A 194 -7.96 -27.18 4.96
C VAL A 194 -7.20 -25.87 4.68
N MET A 195 -7.67 -25.13 3.71
CA MET A 195 -7.13 -23.77 3.52
C MET A 195 -8.17 -22.82 4.09
N THR A 196 -7.76 -21.88 4.97
CA THR A 196 -8.81 -20.99 5.59
C THR A 196 -8.57 -19.59 4.98
N VAL A 197 -9.61 -18.85 4.57
CA VAL A 197 -9.46 -17.57 3.90
C VAL A 197 -10.45 -16.67 4.66
N SER A 198 -9.96 -15.67 5.38
CA SER A 198 -10.86 -14.81 6.16
C SER A 198 -10.66 -13.36 5.70
N PHE A 199 -11.79 -12.68 5.45
CA PHE A 199 -11.80 -11.25 5.14
C PHE A 199 -12.40 -10.63 6.40
N HIS A 200 -11.78 -9.60 7.03
CA HIS A 200 -12.32 -9.18 8.29
C HIS A 200 -11.72 -7.78 8.61
N LYS A 201 -12.41 -7.09 9.48
N LYS A 201 -12.41 -7.06 9.48
CA LYS A 201 -11.86 -5.82 10.06
CA LYS A 201 -11.90 -5.76 9.99
C LYS A 201 -10.70 -6.16 10.93
C LYS A 201 -10.77 -6.06 10.97
N TYR A 202 -9.62 -5.39 10.80
CA TYR A 202 -8.40 -5.65 11.57
C TYR A 202 -7.81 -4.31 12.08
N GLY A 203 -7.44 -4.31 13.35
CA GLY A 203 -6.90 -3.11 14.06
C GLY A 203 -7.77 -2.79 15.27
N GLU A 204 -7.31 -3.17 16.45
CA GLU A 204 -8.02 -2.78 17.72
C GLU A 204 -9.45 -3.28 17.63
N TYR A 205 -9.63 -4.52 17.18
CA TYR A 205 -11.04 -4.99 16.99
C TYR A 205 -10.99 -6.48 17.37
N PHE A 206 -12.09 -7.00 17.88
CA PHE A 206 -12.20 -8.43 18.26
C PHE A 206 -12.00 -9.32 17.03
N PRO A 207 -11.29 -10.44 17.11
CA PRO A 207 -10.69 -10.99 18.32
C PRO A 207 -9.20 -10.56 18.44
N GLY A 208 -8.73 -9.72 17.53
CA GLY A 208 -7.29 -9.26 17.65
C GLY A 208 -6.27 -9.96 16.74
N THR A 209 -6.69 -11.05 16.09
CA THR A 209 -5.87 -11.85 15.18
C THR A 209 -6.29 -11.64 13.71
N GLY A 210 -5.57 -12.30 12.84
CA GLY A 210 -5.84 -12.21 11.40
C GLY A 210 -5.01 -11.16 10.68
N ASP A 211 -3.77 -11.01 11.12
CA ASP A 211 -2.83 -10.06 10.38
C ASP A 211 -2.54 -10.75 9.05
N LEU A 212 -2.32 -10.03 7.95
N LEU A 212 -2.30 -9.90 8.06
CA LEU A 212 -1.99 -10.77 6.71
CA LEU A 212 -1.79 -10.22 6.73
C LEU A 212 -0.67 -11.50 6.81
C LEU A 212 -0.69 -11.27 6.77
N ARG A 213 0.14 -11.16 7.81
CA ARG A 213 1.41 -11.94 7.95
C ARG A 213 1.22 -13.31 8.63
N ASP A 214 0.00 -13.59 9.14
CA ASP A 214 -0.35 -14.96 9.66
C ASP A 214 -0.72 -15.83 8.46
N ILE A 215 0.13 -16.78 8.08
CA ILE A 215 -0.05 -17.48 6.84
C ILE A 215 -0.06 -19.03 7.11
N GLY A 216 -0.04 -19.44 8.36
CA GLY A 216 -0.02 -20.88 8.70
C GLY A 216 1.39 -21.29 9.12
N ALA A 217 1.52 -22.55 9.50
CA ALA A 217 2.84 -23.04 9.99
C ALA A 217 2.98 -24.52 9.74
N GLY A 218 4.25 -24.98 9.66
CA GLY A 218 4.59 -26.36 9.26
C GLY A 218 4.02 -26.73 7.92
N LYS A 219 3.37 -27.91 7.84
CA LYS A 219 2.71 -28.34 6.58
C LYS A 219 1.60 -27.37 6.15
N GLY A 220 1.11 -26.63 7.13
CA GLY A 220 0.05 -25.58 6.95
C GLY A 220 0.61 -24.24 6.47
N LYS A 221 1.93 -24.10 6.36
CA LYS A 221 2.45 -22.77 5.94
C LYS A 221 1.99 -22.43 4.49
N TYR A 222 1.45 -21.22 4.32
CA TYR A 222 0.72 -20.81 3.10
C TYR A 222 -0.76 -21.25 2.88
N TYR A 223 -1.32 -21.94 3.85
CA TYR A 223 -2.69 -22.48 3.70
C TYR A 223 -3.62 -21.72 4.67
N ALA A 224 -3.17 -20.59 5.25
CA ALA A 224 -4.09 -19.66 5.96
C ALA A 224 -3.96 -18.33 5.20
N VAL A 225 -5.09 -17.66 4.88
CA VAL A 225 -5.03 -16.45 4.02
C VAL A 225 -5.89 -15.43 4.82
N ASN A 226 -5.32 -14.23 5.11
CA ASN A 226 -6.07 -13.25 5.95
C ASN A 226 -6.09 -11.98 5.14
N PHE A 227 -7.24 -11.33 4.97
CA PHE A 227 -7.35 -10.06 4.26
C PHE A 227 -7.87 -9.06 5.27
N PRO A 228 -6.98 -8.26 5.90
CA PRO A 228 -7.36 -7.28 6.90
C PRO A 228 -7.91 -6.03 6.24
N MET A 229 -9.03 -5.54 6.76
CA MET A 229 -9.72 -4.35 6.21
C MET A 229 -10.00 -3.33 7.30
N ARG A 230 -10.19 -2.09 6.85
CA ARG A 230 -10.52 -1.02 7.76
C ARG A 230 -12.02 -0.80 7.79
N ASP A 231 -12.45 0.11 8.67
CA ASP A 231 -13.90 0.52 8.66
C ASP A 231 -14.48 0.97 7.33
N GLY A 232 -15.77 0.71 7.14
CA GLY A 232 -16.48 1.39 6.04
C GLY A 232 -16.44 0.79 4.68
N ILE A 233 -15.92 -0.45 4.59
CA ILE A 233 -15.85 -1.05 3.27
C ILE A 233 -17.25 -1.19 2.63
N ASP A 234 -17.28 -1.00 1.32
CA ASP A 234 -18.53 -0.99 0.58
C ASP A 234 -18.55 -2.04 -0.48
N ASP A 235 -19.71 -2.22 -1.14
CA ASP A 235 -19.92 -3.32 -2.11
C ASP A 235 -18.85 -3.29 -3.25
N GLU A 236 -18.63 -2.12 -3.83
N GLU A 236 -18.62 -2.11 -3.81
CA GLU A 236 -17.67 -2.02 -4.95
CA GLU A 236 -17.70 -2.00 -4.96
C GLU A 236 -16.29 -2.49 -4.54
C GLU A 236 -16.26 -2.39 -4.60
N SER A 237 -15.77 -1.95 -3.44
CA SER A 237 -14.45 -2.33 -2.90
C SER A 237 -14.35 -3.83 -2.56
N TYR A 238 -15.37 -4.35 -1.91
CA TYR A 238 -15.31 -5.79 -1.53
C TYR A 238 -15.34 -6.63 -2.79
N GLY A 239 -16.19 -6.25 -3.75
CA GLY A 239 -16.46 -7.17 -4.88
C GLY A 239 -15.27 -7.24 -5.83
N GLN A 240 -14.45 -6.21 -5.74
CA GLN A 240 -13.28 -6.17 -6.55
C GLN A 240 -12.07 -6.90 -6.01
N ILE A 241 -12.08 -7.27 -4.74
CA ILE A 241 -11.05 -8.19 -4.30
C ILE A 241 -11.53 -9.62 -4.04
N PHE A 242 -12.84 -9.83 -3.80
CA PHE A 242 -13.26 -11.15 -3.36
C PHE A 242 -13.16 -12.13 -4.59
N LYS A 243 -13.74 -11.75 -5.75
CA LYS A 243 -13.72 -12.67 -6.90
C LYS A 243 -12.25 -13.03 -7.31
N PRO A 244 -11.37 -12.03 -7.49
CA PRO A 244 -9.92 -12.37 -7.79
C PRO A 244 -9.20 -13.22 -6.74
N ILE A 245 -9.40 -13.01 -5.44
CA ILE A 245 -8.74 -13.83 -4.43
CA ILE A 245 -8.72 -13.85 -4.48
C ILE A 245 -9.30 -15.26 -4.51
N ILE A 246 -10.62 -15.37 -4.53
CA ILE A 246 -11.24 -16.70 -4.49
C ILE A 246 -10.89 -17.45 -5.78
N SER A 247 -10.79 -16.76 -6.91
CA SER A 247 -10.45 -17.45 -8.17
C SER A 247 -9.07 -17.97 -8.12
N LYS A 248 -8.16 -17.21 -7.50
CA LYS A 248 -6.77 -17.69 -7.47
C LYS A 248 -6.61 -18.83 -6.47
N VAL A 249 -7.33 -18.70 -5.35
CA VAL A 249 -7.28 -19.77 -4.36
C VAL A 249 -7.81 -21.06 -4.99
N MET A 250 -8.93 -20.98 -5.72
CA MET A 250 -9.50 -22.16 -6.37
C MET A 250 -8.46 -22.71 -7.34
N GLU A 251 -7.81 -21.84 -8.05
CA GLU A 251 -6.85 -22.33 -9.10
C GLU A 251 -5.66 -23.07 -8.48
N MET A 252 -5.04 -22.48 -7.44
CA MET A 252 -3.87 -22.99 -6.80
C MET A 252 -4.15 -24.14 -5.84
N TYR A 253 -5.27 -24.10 -5.11
CA TYR A 253 -5.52 -25.11 -4.07
C TYR A 253 -6.39 -26.28 -4.54
N GLN A 254 -7.27 -26.04 -5.53
N GLN A 254 -7.27 -26.05 -5.52
CA GLN A 254 -8.17 -27.07 -6.13
CA GLN A 254 -8.13 -27.12 -6.10
C GLN A 254 -8.89 -27.91 -5.08
C GLN A 254 -8.87 -27.92 -5.04
N PRO A 255 -9.71 -27.25 -4.25
CA PRO A 255 -10.41 -28.00 -3.22
C PRO A 255 -11.49 -28.91 -3.78
N SER A 256 -11.93 -29.93 -3.02
CA SER A 256 -13.05 -30.63 -3.54
C SER A 256 -14.35 -30.35 -2.78
N ALA A 257 -14.30 -29.52 -1.71
CA ALA A 257 -15.56 -29.09 -1.03
C ALA A 257 -15.24 -27.69 -0.48
N VAL A 258 -16.28 -26.95 -0.19
CA VAL A 258 -16.11 -25.60 0.30
C VAL A 258 -17.11 -25.35 1.44
N VAL A 259 -16.71 -24.57 2.45
CA VAL A 259 -17.57 -24.19 3.58
C VAL A 259 -17.48 -22.67 3.55
N LEU A 260 -18.65 -22.02 3.48
CA LEU A 260 -18.73 -20.56 3.37
C LEU A 260 -19.47 -20.09 4.64
N GLN A 261 -18.77 -19.33 5.50
CA GLN A 261 -19.43 -18.74 6.70
C GLN A 261 -19.91 -17.36 6.24
N CYS A 262 -21.23 -17.08 6.41
CA CYS A 262 -21.81 -15.91 5.78
C CYS A 262 -22.23 -14.95 6.87
N GLY A 263 -21.40 -14.78 7.90
CA GLY A 263 -21.77 -13.82 9.01
C GLY A 263 -22.22 -12.45 8.48
N ALA A 264 -23.39 -12.01 9.00
CA ALA A 264 -24.08 -10.84 8.49
C ALA A 264 -23.75 -9.61 9.31
N ASP A 265 -22.78 -9.73 10.23
CA ASP A 265 -22.27 -8.54 10.95
C ASP A 265 -21.34 -7.64 10.05
N SER A 266 -21.05 -8.10 8.84
CA SER A 266 -20.44 -7.24 7.84
C SER A 266 -21.37 -6.36 7.05
N LEU A 267 -22.69 -6.38 7.36
CA LEU A 267 -23.61 -5.48 6.67
C LEU A 267 -23.62 -4.07 7.27
N SER A 268 -23.90 -3.12 6.39
CA SER A 268 -24.20 -1.71 6.75
C SER A 268 -25.26 -1.68 7.83
N GLY A 269 -25.06 -0.84 8.83
CA GLY A 269 -26.11 -0.70 9.87
C GLY A 269 -26.04 -1.74 10.96
N ASP A 270 -25.04 -2.63 10.93
CA ASP A 270 -24.94 -3.65 11.98
C ASP A 270 -24.65 -2.97 13.35
N ARG A 271 -25.33 -3.44 14.37
CA ARG A 271 -25.16 -2.84 15.70
C ARG A 271 -23.73 -2.91 16.23
N LEU A 272 -23.01 -3.95 15.86
CA LEU A 272 -21.67 -4.11 16.43
C LEU A 272 -20.59 -3.90 15.35
N GLY A 273 -20.94 -4.06 14.10
CA GLY A 273 -19.90 -4.05 13.03
C GLY A 273 -19.77 -2.65 12.45
N CYS A 274 -18.66 -2.42 11.75
N CYS A 274 -18.73 -2.40 11.67
CA CYS A 274 -18.35 -1.14 11.16
CA CYS A 274 -18.54 -1.07 11.08
C CYS A 274 -18.16 -1.18 9.62
C CYS A 274 -18.23 -1.14 9.61
N PHE A 275 -18.75 -2.14 8.89
CA PHE A 275 -18.63 -2.17 7.43
C PHE A 275 -19.87 -1.59 6.82
N ASN A 276 -19.89 -1.46 5.52
CA ASN A 276 -20.98 -0.76 4.79
C ASN A 276 -21.51 -1.56 3.59
N LEU A 277 -21.52 -2.90 3.73
CA LEU A 277 -21.99 -3.71 2.65
C LEU A 277 -23.53 -3.74 2.62
N THR A 278 -24.10 -3.81 1.43
CA THR A 278 -25.53 -4.15 1.31
C THR A 278 -25.78 -5.66 1.26
N VAL A 279 -27.03 -6.06 1.31
CA VAL A 279 -27.39 -7.48 1.12
C VAL A 279 -26.94 -7.96 -0.28
N LYS A 280 -27.07 -7.12 -1.32
CA LYS A 280 -26.60 -7.54 -2.64
C LYS A 280 -25.08 -7.72 -2.68
N GLY A 281 -24.35 -6.84 -2.03
CA GLY A 281 -22.86 -6.93 -1.97
C GLY A 281 -22.41 -8.15 -1.21
N HIS A 282 -23.14 -8.48 -0.16
CA HIS A 282 -22.71 -9.62 0.70
C HIS A 282 -23.04 -10.86 -0.10
N ALA A 283 -24.22 -10.91 -0.72
CA ALA A 283 -24.65 -12.09 -1.46
C ALA A 283 -23.87 -12.35 -2.75
N LYS A 284 -23.28 -11.31 -3.33
CA LYS A 284 -22.37 -11.52 -4.48
C LYS A 284 -21.31 -12.55 -4.13
N CYS A 285 -20.90 -12.63 -2.84
CA CYS A 285 -19.89 -13.64 -2.42
C CYS A 285 -20.39 -15.04 -2.60
N VAL A 286 -21.65 -15.27 -2.19
CA VAL A 286 -22.28 -16.57 -2.38
C VAL A 286 -22.30 -16.89 -3.85
N GLU A 287 -22.75 -15.93 -4.69
CA GLU A 287 -22.85 -16.17 -6.14
C GLU A 287 -21.50 -16.55 -6.77
N VAL A 288 -20.45 -15.86 -6.37
CA VAL A 288 -19.06 -16.18 -6.80
C VAL A 288 -18.66 -17.61 -6.40
N VAL A 289 -18.89 -17.97 -5.14
CA VAL A 289 -18.45 -19.27 -4.66
C VAL A 289 -19.26 -20.35 -5.40
N LYS A 290 -20.56 -20.13 -5.60
CA LYS A 290 -21.38 -21.06 -6.42
C LYS A 290 -20.95 -21.38 -7.79
N THR A 291 -20.40 -20.39 -8.51
CA THR A 291 -19.99 -20.65 -9.88
C THR A 291 -18.94 -21.79 -9.97
N PHE A 292 -18.23 -22.13 -8.89
CA PHE A 292 -17.18 -23.17 -9.01
C PHE A 292 -17.77 -24.59 -9.02
N ASN A 293 -19.07 -24.69 -8.73
CA ASN A 293 -19.78 -25.96 -8.79
CA ASN A 293 -19.78 -25.98 -8.83
C ASN A 293 -19.17 -27.09 -7.95
N LEU A 294 -18.75 -26.78 -6.73
CA LEU A 294 -18.23 -27.72 -5.75
C LEU A 294 -19.29 -27.90 -4.63
N PRO A 295 -19.28 -29.04 -3.96
CA PRO A 295 -20.20 -29.30 -2.84
C PRO A 295 -19.95 -28.15 -1.82
N LEU A 296 -21.01 -27.56 -1.31
CA LEU A 296 -20.86 -26.28 -0.60
C LEU A 296 -21.71 -26.36 0.65
N LEU A 297 -21.13 -26.08 1.80
CA LEU A 297 -21.87 -25.95 3.07
C LEU A 297 -21.90 -24.44 3.41
N MET A 298 -23.10 -23.87 3.56
N MET A 298 -23.08 -23.85 3.52
CA MET A 298 -23.26 -22.42 3.79
CA MET A 298 -23.20 -22.40 3.77
C MET A 298 -23.74 -22.29 5.24
C MET A 298 -23.75 -22.26 5.21
N LEU A 299 -23.05 -21.48 6.01
CA LEU A 299 -23.36 -21.35 7.41
C LEU A 299 -23.58 -19.89 7.74
N GLY A 300 -24.34 -19.71 8.82
CA GLY A 300 -24.61 -18.37 9.40
C GLY A 300 -23.35 -17.80 10.09
N GLY A 301 -23.52 -16.92 11.09
CA GLY A 301 -22.34 -16.36 11.77
C GLY A 301 -22.95 -15.19 12.50
N GLY A 302 -22.19 -14.09 12.57
CA GLY A 302 -22.67 -13.01 13.44
C GLY A 302 -23.77 -12.22 12.76
N GLY A 303 -24.24 -11.16 13.43
CA GLY A 303 -25.21 -10.31 12.79
C GLY A 303 -26.22 -9.89 13.89
N TYR A 304 -26.23 -8.58 14.14
CA TYR A 304 -26.80 -7.99 15.39
C TYR A 304 -27.91 -6.99 15.11
N THR A 305 -28.13 -6.58 13.85
CA THR A 305 -29.33 -5.78 13.49
C THR A 305 -30.28 -6.75 12.83
N ILE A 306 -31.21 -7.30 13.63
CA ILE A 306 -31.80 -8.58 13.21
C ILE A 306 -32.67 -8.54 12.01
N ARG A 307 -33.32 -7.41 11.77
CA ARG A 307 -34.04 -7.23 10.53
C ARG A 307 -33.12 -7.35 9.31
N ASN A 308 -31.87 -6.91 9.42
CA ASN A 308 -30.98 -7.03 8.23
C ASN A 308 -30.39 -8.42 8.07
N VAL A 309 -30.22 -9.11 9.18
CA VAL A 309 -29.77 -10.50 9.19
C VAL A 309 -30.81 -11.37 8.44
N ALA A 310 -32.10 -11.19 8.81
CA ALA A 310 -33.16 -11.95 8.15
C ALA A 310 -33.19 -11.68 6.65
N ARG A 311 -33.03 -10.41 6.26
CA ARG A 311 -32.98 -10.02 4.87
C ARG A 311 -31.86 -10.68 4.14
N CYS A 312 -30.70 -10.62 4.76
CA CYS A 312 -29.44 -11.10 4.13
C CYS A 312 -29.52 -12.64 3.88
N TRP A 313 -29.86 -13.41 4.90
CA TRP A 313 -29.91 -14.85 4.80
C TRP A 313 -31.07 -15.35 3.96
N THR A 314 -32.22 -14.61 3.95
CA THR A 314 -33.29 -14.95 3.02
C THR A 314 -32.78 -14.82 1.57
N TYR A 315 -32.13 -13.68 1.29
CA TYR A 315 -31.67 -13.44 -0.09
C TYR A 315 -30.59 -14.43 -0.48
N GLU A 316 -29.72 -14.77 0.46
CA GLU A 316 -28.61 -15.77 0.18
C GLU A 316 -29.17 -17.17 -0.09
N THR A 317 -30.26 -17.51 0.60
CA THR A 317 -31.00 -18.75 0.31
C THR A 317 -31.56 -18.72 -1.14
N ALA A 318 -32.20 -17.62 -1.51
CA ALA A 318 -32.76 -17.44 -2.87
C ALA A 318 -31.64 -17.53 -3.93
N VAL A 319 -30.52 -16.89 -3.63
CA VAL A 319 -29.28 -17.06 -4.47
C VAL A 319 -28.87 -18.52 -4.60
N ALA A 320 -28.78 -19.27 -3.50
CA ALA A 320 -28.40 -20.66 -3.55
C ALA A 320 -29.37 -21.42 -4.45
N LEU A 321 -30.66 -21.00 -4.44
CA LEU A 321 -31.70 -21.67 -5.24
C LEU A 321 -31.82 -21.16 -6.68
N ASP A 322 -31.00 -20.22 -7.10
CA ASP A 322 -31.16 -19.51 -8.38
C ASP A 322 -32.56 -18.98 -8.56
N CYS A 323 -33.10 -18.35 -7.52
N CYS A 323 -33.10 -18.41 -7.49
CA CYS A 323 -34.50 -17.88 -7.53
CA CYS A 323 -34.44 -17.82 -7.47
C CYS A 323 -34.62 -16.39 -7.24
C CYS A 323 -34.33 -16.30 -7.42
N GLU A 324 -35.18 -15.64 -8.21
CA GLU A 324 -35.31 -14.20 -8.10
C GLU A 324 -36.52 -13.99 -7.18
N ILE A 325 -36.34 -13.20 -6.13
CA ILE A 325 -37.47 -12.86 -5.21
C ILE A 325 -37.66 -11.38 -5.30
N PRO A 326 -38.92 -10.91 -5.12
CA PRO A 326 -39.27 -9.51 -5.28
C PRO A 326 -38.72 -8.72 -4.13
N ASN A 327 -38.49 -7.43 -4.36
CA ASN A 327 -37.96 -6.54 -3.36
C ASN A 327 -39.05 -6.22 -2.34
N GLU A 328 -40.32 -6.27 -2.76
CA GLU A 328 -41.45 -6.00 -1.80
C GLU A 328 -41.54 -7.19 -0.86
N LEU A 329 -41.37 -6.96 0.47
CA LEU A 329 -41.37 -8.08 1.42
C LEU A 329 -42.82 -8.64 1.57
N PRO A 330 -42.98 -9.97 1.56
CA PRO A 330 -44.29 -10.53 1.82
C PRO A 330 -44.64 -10.32 3.26
N TYR A 331 -45.96 -10.27 3.56
CA TYR A 331 -46.36 -10.32 4.93
C TYR A 331 -45.79 -11.55 5.64
N ASN A 332 -45.49 -11.39 6.92
CA ASN A 332 -44.88 -12.44 7.72
C ASN A 332 -45.10 -12.12 9.22
N ASP A 333 -44.75 -13.05 10.11
CA ASP A 333 -45.02 -12.89 11.55
C ASP A 333 -44.22 -11.76 12.22
N TYR A 334 -43.19 -11.28 11.52
CA TYR A 334 -42.31 -10.27 12.03
C TYR A 334 -42.31 -9.06 11.19
N PHE A 335 -43.38 -8.84 10.44
CA PHE A 335 -43.43 -7.76 9.44
C PHE A 335 -43.05 -6.35 9.94
N GLU A 336 -43.47 -6.00 11.15
CA GLU A 336 -43.17 -4.69 11.72
C GLU A 336 -41.68 -4.45 11.97
N TYR A 337 -40.90 -5.51 12.05
CA TYR A 337 -39.46 -5.31 12.26
C TYR A 337 -38.79 -4.78 11.00
N PHE A 338 -39.45 -4.86 9.83
CA PHE A 338 -38.85 -4.46 8.55
C PHE A 338 -39.24 -3.06 8.14
N GLY A 339 -39.93 -2.32 9.02
CA GLY A 339 -40.24 -0.94 8.66
C GLY A 339 -38.93 -0.12 8.69
N PRO A 340 -38.96 1.10 8.22
CA PRO A 340 -40.21 1.73 7.75
C PRO A 340 -40.46 1.47 6.27
N ASP A 341 -39.53 0.80 5.58
CA ASP A 341 -39.66 0.58 4.12
C ASP A 341 -40.34 -0.77 3.65
N PHE A 342 -40.22 -1.84 4.45
CA PHE A 342 -40.82 -3.16 4.17
C PHE A 342 -40.31 -3.68 2.84
N LYS A 343 -39.03 -3.34 2.57
CA LYS A 343 -38.31 -3.90 1.38
C LYS A 343 -37.22 -4.92 1.78
N LEU A 344 -36.84 -5.76 0.82
CA LEU A 344 -35.82 -6.81 1.10
C LEU A 344 -34.42 -6.17 1.11
N HIS A 345 -34.17 -5.29 0.15
CA HIS A 345 -32.80 -4.71 -0.02
C HIS A 345 -32.54 -3.50 0.85
N ILE A 346 -31.28 -3.27 1.20
CA ILE A 346 -30.98 -2.14 2.11
C ILE A 346 -30.06 -1.15 1.38
N SER A 347 -30.03 0.09 1.83
CA SER A 347 -29.07 1.07 1.30
C SER A 347 -27.85 1.17 2.17
N PRO A 348 -26.67 1.45 1.57
CA PRO A 348 -25.50 1.76 2.37
C PRO A 348 -25.67 3.09 3.09
N SER A 349 -24.97 3.28 4.18
CA SER A 349 -24.88 4.57 4.86
C SER A 349 -23.87 5.51 4.18
N ASN A 350 -23.76 6.75 4.71
CA ASN A 350 -22.80 7.73 4.17
C ASN A 350 -21.44 7.64 4.87
N MET A 351 -21.22 6.60 5.68
CA MET A 351 -19.93 6.44 6.36
C MET A 351 -18.74 6.43 5.37
N THR A 352 -17.61 6.96 5.85
CA THR A 352 -16.42 6.98 5.01
C THR A 352 -15.84 5.55 4.89
N ASN A 353 -15.46 5.21 3.70
CA ASN A 353 -14.73 3.97 3.43
C ASN A 353 -13.22 4.22 3.64
N GLN A 354 -12.67 3.72 4.76
CA GLN A 354 -11.25 3.93 5.11
CA GLN A 354 -11.25 3.93 5.10
C GLN A 354 -10.29 3.05 4.31
N ASN A 355 -10.84 2.14 3.49
CA ASN A 355 -10.10 1.26 2.60
C ASN A 355 -9.92 1.83 1.18
N THR A 356 -8.81 2.51 0.95
CA THR A 356 -8.68 3.13 -0.38
C THR A 356 -8.56 2.05 -1.43
N PRO A 357 -8.86 2.37 -2.70
CA PRO A 357 -8.67 1.39 -3.80
C PRO A 357 -7.19 0.98 -3.89
N GLU A 358 -6.23 1.89 -3.61
CA GLU A 358 -4.79 1.41 -3.53
C GLU A 358 -4.48 0.44 -2.43
N TYR A 359 -5.06 0.65 -1.24
CA TYR A 359 -4.87 -0.29 -0.14
C TYR A 359 -5.42 -1.66 -0.54
N MET A 360 -6.62 -1.69 -1.12
CA MET A 360 -7.22 -3.01 -1.43
C MET A 360 -6.34 -3.77 -2.48
N GLU A 361 -5.83 -3.07 -3.47
CA GLU A 361 -5.00 -3.72 -4.53
C GLU A 361 -3.68 -4.13 -3.94
N LYS A 362 -3.16 -3.33 -3.02
N LYS A 362 -3.15 -3.34 -3.02
CA LYS A 362 -1.84 -3.67 -2.41
CA LYS A 362 -1.82 -3.69 -2.44
C LYS A 362 -1.94 -4.93 -1.57
C LYS A 362 -1.92 -4.92 -1.54
N ILE A 363 -2.97 -5.02 -0.74
CA ILE A 363 -3.12 -6.21 0.12
C ILE A 363 -3.33 -7.43 -0.81
N LYS A 364 -4.13 -7.24 -1.85
CA LYS A 364 -4.40 -8.34 -2.82
C LYS A 364 -3.12 -8.83 -3.45
N GLN A 365 -2.27 -7.89 -3.84
N GLN A 365 -2.25 -7.90 -3.86
CA GLN A 365 -0.97 -8.22 -4.42
CA GLN A 365 -0.92 -8.32 -4.41
C GLN A 365 -0.06 -8.98 -3.44
C GLN A 365 -0.08 -9.08 -3.41
N ARG A 366 -0.05 -8.63 -2.14
CA ARG A 366 0.71 -9.33 -1.14
C ARG A 366 0.18 -10.76 -0.91
N LEU A 367 -1.14 -10.92 -0.97
CA LEU A 367 -1.67 -12.29 -0.75
C LEU A 367 -1.38 -13.12 -2.01
N PHE A 368 -1.39 -12.52 -3.21
CA PHE A 368 -1.08 -13.29 -4.45
C PHE A 368 0.37 -13.80 -4.40
N GLU A 369 1.27 -13.05 -3.77
CA GLU A 369 2.66 -13.51 -3.65
C GLU A 369 2.72 -14.76 -2.79
N ASN A 370 1.89 -14.84 -1.73
CA ASN A 370 1.87 -16.02 -0.87
C ASN A 370 1.22 -17.19 -1.59
N LEU A 371 0.18 -16.95 -2.37
CA LEU A 371 -0.45 -18.02 -3.15
C LEU A 371 0.47 -18.63 -4.22
N ARG A 372 1.51 -17.90 -4.63
N ARG A 372 1.52 -17.91 -4.65
CA ARG A 372 2.53 -18.48 -5.53
CA ARG A 372 2.51 -18.51 -5.57
C ARG A 372 3.29 -19.61 -4.92
C ARG A 372 3.39 -19.56 -4.91
N MET A 373 3.37 -19.63 -3.58
CA MET A 373 4.14 -20.60 -2.86
C MET A 373 3.44 -21.96 -2.68
N LEU A 374 2.20 -22.09 -3.16
CA LEU A 374 1.50 -23.38 -3.22
C LEU A 374 2.12 -24.28 -4.33
N PRO A 375 2.23 -25.63 -4.09
CA PRO A 375 3.05 -26.47 -5.02
C PRO A 375 2.40 -26.82 -6.38
N LYS B 9 29.04 -1.05 18.56
CA LYS B 9 27.88 -0.19 18.14
C LYS B 9 27.42 0.75 19.24
N LYS B 10 27.24 2.02 18.90
CA LYS B 10 26.64 3.04 19.78
C LYS B 10 25.21 2.63 20.23
N LYS B 11 24.87 2.88 21.50
N LYS B 11 24.86 2.92 21.48
CA LYS B 11 23.58 2.49 22.08
CA LYS B 11 23.58 2.51 22.03
C LYS B 11 22.50 3.58 21.88
C LYS B 11 22.51 3.60 21.85
N VAL B 12 21.26 3.19 21.57
CA VAL B 12 20.19 4.19 21.33
C VAL B 12 19.07 4.00 22.30
N CYS B 13 18.68 5.04 23.03
N CYS B 13 18.71 5.07 23.00
CA CYS B 13 17.41 4.92 23.70
CA CYS B 13 17.52 5.05 23.80
C CYS B 13 16.35 5.91 23.28
C CYS B 13 16.39 5.77 23.03
N TYR B 14 15.14 5.40 23.36
CA TYR B 14 14.01 6.01 22.63
C TYR B 14 12.85 6.13 23.57
N TYR B 15 12.18 7.28 23.52
CA TYR B 15 11.12 7.53 24.44
C TYR B 15 9.80 7.66 23.73
N TYR B 16 8.80 7.02 24.27
CA TYR B 16 7.43 7.10 23.74
C TYR B 16 6.42 6.78 24.74
N ASP B 17 5.37 7.62 24.82
CA ASP B 17 4.23 7.31 25.67
C ASP B 17 3.05 7.06 24.78
N GLY B 18 2.40 5.92 24.99
CA GLY B 18 1.28 5.52 24.19
C GLY B 18 0.06 6.42 24.23
N ASP B 19 -0.02 7.35 25.18
CA ASP B 19 -1.20 8.24 25.24
C ASP B 19 -0.97 9.44 24.25
N ILE B 20 0.25 9.63 23.78
CA ILE B 20 0.64 10.91 23.06
C ILE B 20 -0.22 11.16 21.85
N GLY B 21 -0.54 10.11 21.10
CA GLY B 21 -1.33 10.25 19.91
C GLY B 21 -2.78 10.54 20.13
N ASN B 22 -3.26 10.53 21.39
CA ASN B 22 -4.66 10.85 21.65
C ASN B 22 -4.95 12.34 21.91
N TYR B 23 -3.91 13.15 22.15
CA TYR B 23 -4.10 14.59 22.41
C TYR B 23 -4.50 15.21 21.09
N TYR B 24 -5.50 16.08 21.13
CA TYR B 24 -6.04 16.59 19.87
C TYR B 24 -6.17 18.11 19.96
N TYR B 25 -5.53 18.82 19.03
CA TYR B 25 -5.50 20.30 19.03
C TYR B 25 -6.83 20.88 18.61
N GLY B 26 -7.72 20.08 18.06
CA GLY B 26 -9.01 20.64 17.67
C GLY B 26 -9.25 20.59 16.19
N GLN B 27 -10.52 20.62 15.79
CA GLN B 27 -10.80 20.42 14.33
C GLN B 27 -10.18 21.49 13.43
N GLY B 28 -9.53 21.00 12.38
CA GLY B 28 -8.84 21.85 11.38
C GLY B 28 -7.40 22.29 11.76
N HIS B 29 -6.99 22.02 13.01
CA HIS B 29 -5.66 22.50 13.42
C HIS B 29 -4.62 21.54 12.77
N PRO B 30 -3.54 22.09 12.20
CA PRO B 30 -2.65 21.24 11.43
C PRO B 30 -1.77 20.36 12.32
N MET B 31 -1.54 20.69 13.59
CA MET B 31 -0.59 19.86 14.39
C MET B 31 -1.39 18.61 14.86
N LYS B 32 -0.88 17.42 14.60
CA LYS B 32 -1.65 16.13 14.84
C LYS B 32 -0.71 15.19 15.65
N PRO B 33 -0.86 15.14 16.95
CA PRO B 33 0.09 14.31 17.75
C PRO B 33 0.01 12.85 17.34
N HIS B 34 -1.11 12.49 16.71
CA HIS B 34 -1.23 11.14 16.10
C HIS B 34 -0.03 10.74 15.20
N ARG B 35 0.68 11.71 14.60
CA ARG B 35 1.82 11.39 13.77
C ARG B 35 2.92 10.65 14.56
N ILE B 36 2.95 10.87 15.86
N ILE B 36 2.95 10.87 15.86
CA ILE B 36 4.02 10.27 16.71
CA ILE B 36 4.02 10.28 16.69
C ILE B 36 3.70 8.76 16.90
C ILE B 36 3.70 8.77 16.92
N ARG B 37 2.41 8.48 17.01
CA ARG B 37 1.89 7.12 17.18
C ARG B 37 2.11 6.42 15.84
N MET B 38 1.89 7.13 14.71
CA MET B 38 2.15 6.48 13.39
C MET B 38 3.62 6.12 13.23
N THR B 39 4.51 7.02 13.68
CA THR B 39 5.93 6.80 13.58
C THR B 39 6.26 5.58 14.42
N HIS B 40 5.78 5.59 15.65
CA HIS B 40 6.11 4.44 16.56
C HIS B 40 5.65 3.06 15.95
N ASN B 41 4.46 3.04 15.37
CA ASN B 41 3.90 1.78 14.86
C ASN B 41 4.67 1.33 13.62
N LEU B 42 5.16 2.27 12.81
CA LEU B 42 5.98 1.88 11.64
C LEU B 42 7.32 1.31 12.08
N LEU B 43 7.94 1.93 13.05
N LEU B 43 7.91 1.93 13.10
CA LEU B 43 9.23 1.39 13.44
CA LEU B 43 9.17 1.42 13.69
C LEU B 43 9.12 0.08 14.24
C LEU B 43 9.03 0.03 14.14
N LEU B 44 7.97 -0.19 14.89
CA LEU B 44 7.72 -1.46 15.53
C LEU B 44 7.58 -2.51 14.38
N ASN B 45 6.87 -2.17 13.31
CA ASN B 45 6.63 -3.17 12.26
C ASN B 45 7.83 -3.37 11.35
N TYR B 46 8.77 -2.44 11.41
CA TYR B 46 10.06 -2.70 10.78
C TYR B 46 10.97 -3.58 11.62
N GLY B 47 10.61 -3.80 12.87
CA GLY B 47 11.46 -4.64 13.75
C GLY B 47 12.53 -3.89 14.51
N LEU B 48 12.50 -2.57 14.47
CA LEU B 48 13.58 -1.79 15.06
C LEU B 48 13.57 -1.79 16.59
N TYR B 49 12.50 -2.28 17.22
CA TYR B 49 12.45 -2.32 18.69
C TYR B 49 13.53 -3.27 19.22
N ARG B 50 13.98 -4.20 18.37
CA ARG B 50 14.89 -5.25 18.85
C ARG B 50 16.24 -4.61 19.15
N LYS B 51 16.49 -3.47 18.49
CA LYS B 51 17.78 -2.82 18.47
C LYS B 51 17.93 -1.61 19.39
N MET B 52 16.85 -1.22 20.06
CA MET B 52 16.97 -0.12 20.99
C MET B 52 16.26 -0.30 22.31
N GLU B 53 16.61 0.55 23.27
CA GLU B 53 15.94 0.49 24.51
C GLU B 53 14.79 1.45 24.42
N ILE B 54 13.58 0.98 24.72
CA ILE B 54 12.41 1.82 24.62
C ILE B 54 11.93 2.14 26.00
N TYR B 55 11.78 3.43 26.33
CA TYR B 55 11.27 3.86 27.62
C TYR B 55 10.00 4.71 27.50
N ARG B 56 9.17 4.67 28.56
CA ARG B 56 8.06 5.57 28.65
C ARG B 56 8.58 6.78 29.41
N PRO B 57 8.36 8.01 28.88
CA PRO B 57 8.75 9.19 29.58
C PRO B 57 7.96 9.37 30.89
N HIS B 58 8.60 9.93 31.90
CA HIS B 58 7.80 10.42 33.09
C HIS B 58 7.08 11.70 32.70
N LYS B 59 6.10 12.10 33.51
CA LYS B 59 5.44 13.40 33.29
C LYS B 59 6.33 14.44 33.96
N ALA B 60 6.91 15.37 33.19
CA ALA B 60 7.81 16.31 33.78
C ALA B 60 7.05 17.12 34.80
N THR B 61 7.72 17.47 35.89
CA THR B 61 6.98 18.20 36.93
C THR B 61 7.08 19.71 36.74
N ALA B 62 6.21 20.44 37.44
CA ALA B 62 6.25 21.90 37.35
C ALA B 62 7.63 22.40 37.79
N GLU B 63 8.24 21.74 38.78
CA GLU B 63 9.62 22.01 39.20
C GLU B 63 10.65 21.90 38.06
N GLU B 64 10.58 20.83 37.26
CA GLU B 64 11.45 20.73 36.09
C GLU B 64 11.14 21.82 35.11
N MET B 65 9.88 22.14 34.88
CA MET B 65 9.56 23.13 33.81
C MET B 65 9.97 24.53 34.20
N THR B 66 9.89 24.85 35.51
CA THR B 66 10.33 26.16 35.89
C THR B 66 11.83 26.32 36.02
N LYS B 67 12.65 25.34 35.63
CA LYS B 67 14.06 25.63 35.42
C LYS B 67 14.30 26.71 34.34
N TYR B 68 13.32 26.89 33.46
CA TYR B 68 13.32 27.91 32.42
C TYR B 68 12.06 28.81 32.47
N HIS B 69 10.88 28.19 32.45
CA HIS B 69 9.68 28.92 32.25
C HIS B 69 9.31 29.61 33.59
N SER B 70 8.61 30.69 33.48
CA SER B 70 8.12 31.40 34.68
C SER B 70 7.06 30.59 35.42
N ASP B 71 7.13 30.70 36.75
CA ASP B 71 6.18 30.07 37.66
C ASP B 71 4.72 30.37 37.32
N GLU B 72 4.45 31.64 36.99
CA GLU B 72 3.13 32.08 36.62
C GLU B 72 2.60 31.43 35.35
N TYR B 73 3.47 31.33 34.35
CA TYR B 73 3.04 30.67 33.09
C TYR B 73 2.76 29.16 33.30
N ILE B 74 3.61 28.46 34.02
CA ILE B 74 3.43 27.01 34.21
C ILE B 74 2.17 26.80 35.05
N LYS B 75 2.01 27.63 36.12
CA LYS B 75 0.78 27.53 36.88
C LYS B 75 -0.45 27.74 35.99
N PHE B 76 -0.45 28.70 35.07
CA PHE B 76 -1.58 28.86 34.17
C PHE B 76 -1.79 27.64 33.25
N LEU B 77 -0.71 27.07 32.70
CA LEU B 77 -0.90 25.88 31.84
C LEU B 77 -1.55 24.74 32.61
N ARG B 78 -1.22 24.64 33.89
N ARG B 78 -1.22 24.64 33.88
CA ARG B 78 -1.66 23.55 34.80
CA ARG B 78 -1.67 23.51 34.67
C ARG B 78 -3.16 23.71 35.06
C ARG B 78 -3.03 23.79 35.27
N SER B 79 -3.64 24.93 34.91
CA SER B 79 -5.02 25.34 35.36
C SER B 79 -6.01 25.42 34.24
N ILE B 80 -5.56 25.86 33.07
CA ILE B 80 -6.46 26.21 31.97
C ILE B 80 -7.14 24.96 31.33
N ARG B 81 -8.46 25.00 31.10
CA ARG B 81 -9.24 23.88 30.51
C ARG B 81 -10.28 24.46 29.58
N PRO B 82 -10.78 23.69 28.59
CA PRO B 82 -11.82 24.20 27.74
C PRO B 82 -13.03 24.67 28.56
N ASP B 83 -13.32 24.02 29.68
CA ASP B 83 -14.51 24.41 30.52
C ASP B 83 -14.30 25.58 31.52
N ASN B 84 -13.07 26.09 31.65
CA ASN B 84 -12.91 27.27 32.51
C ASN B 84 -12.30 28.46 31.80
N MET B 85 -12.25 28.38 30.46
CA MET B 85 -11.66 29.42 29.60
C MET B 85 -12.24 30.81 29.75
N SER B 86 -13.57 30.88 29.84
CA SER B 86 -14.27 32.14 30.10
C SER B 86 -13.63 32.89 31.29
N GLU B 87 -13.28 32.17 32.35
CA GLU B 87 -12.72 32.81 33.55
C GLU B 87 -11.26 33.26 33.42
N TYR B 88 -10.55 32.84 32.35
CA TYR B 88 -9.12 33.12 32.27
C TYR B 88 -8.78 33.99 31.06
N SER B 89 -9.75 34.77 30.56
CA SER B 89 -9.57 35.49 29.28
C SER B 89 -8.34 36.42 29.25
N LYS B 90 -8.05 37.11 30.35
CA LYS B 90 -6.84 37.98 30.43
C LYS B 90 -5.50 37.21 30.50
N GLN B 91 -5.50 36.13 31.27
CA GLN B 91 -4.33 35.28 31.30
C GLN B 91 -4.11 34.64 29.92
N MET B 92 -5.18 34.18 29.26
CA MET B 92 -5.01 33.63 27.90
C MET B 92 -4.30 34.60 26.98
N GLN B 93 -4.74 35.86 27.03
CA GLN B 93 -4.09 36.90 26.29
C GLN B 93 -2.64 37.08 26.68
N ARG B 94 -2.33 37.09 27.99
CA ARG B 94 -1.00 37.44 28.48
C ARG B 94 -0.04 36.31 27.98
N PHE B 95 -0.53 35.08 28.03
CA PHE B 95 0.35 33.90 27.80
C PHE B 95 0.24 33.36 26.39
N ASN B 96 -0.54 34.06 25.60
CA ASN B 96 -0.76 33.76 24.16
C ASN B 96 -1.31 32.36 23.88
N VAL B 97 -2.28 31.93 24.68
CA VAL B 97 -2.96 30.67 24.54
C VAL B 97 -4.38 30.96 24.13
N GLY B 98 -4.88 30.15 23.20
CA GLY B 98 -6.28 30.22 22.82
C GLY B 98 -6.53 30.31 21.32
N GLU B 99 -5.51 30.68 20.54
CA GLU B 99 -5.69 30.73 19.07
C GLU B 99 -4.92 29.64 18.31
N ASP B 100 -3.80 29.98 17.69
CA ASP B 100 -2.89 28.99 17.03
C ASP B 100 -2.34 28.03 18.08
N CYS B 101 -2.35 28.42 19.34
CA CYS B 101 -1.94 27.49 20.41
C CYS B 101 -3.20 27.36 21.30
N PRO B 102 -4.11 26.47 20.89
CA PRO B 102 -5.43 26.34 21.48
C PRO B 102 -5.37 25.78 22.89
N VAL B 103 -6.46 25.99 23.62
CA VAL B 103 -6.68 25.20 24.78
C VAL B 103 -7.31 23.89 24.33
N PHE B 104 -6.78 22.76 24.79
CA PHE B 104 -7.47 21.48 24.57
C PHE B 104 -7.41 20.62 25.74
N ASP B 105 -8.25 19.57 25.72
CA ASP B 105 -8.31 18.66 26.83
C ASP B 105 -6.96 17.96 27.02
N GLY B 106 -6.44 17.98 28.26
CA GLY B 106 -5.14 17.34 28.57
C GLY B 106 -3.90 18.08 28.10
N LEU B 107 -4.07 19.33 27.77
CA LEU B 107 -2.92 20.17 27.36
C LEU B 107 -1.70 20.04 28.26
N PHE B 108 -1.92 20.14 29.56
CA PHE B 108 -0.79 20.14 30.45
C PHE B 108 -0.09 18.79 30.45
N GLU B 109 -0.87 17.71 30.44
CA GLU B 109 -0.22 16.40 30.39
C GLU B 109 0.52 16.20 29.05
N PHE B 110 -0.05 16.70 27.94
CA PHE B 110 0.69 16.67 26.65
C PHE B 110 2.07 17.35 26.84
N CYS B 111 2.10 18.55 27.42
CA CYS B 111 3.37 19.24 27.69
C CYS B 111 4.32 18.41 28.58
N GLN B 112 3.72 17.75 29.58
CA GLN B 112 4.55 17.00 30.51
C GLN B 112 5.25 15.81 29.87
N LEU B 113 4.50 15.16 28.96
CA LEU B 113 5.00 13.95 28.27
C LEU B 113 6.06 14.30 27.22
N SER B 114 5.82 15.34 26.46
N SER B 114 5.79 15.35 26.47
N SER B 114 5.78 15.34 26.48
CA SER B 114 6.84 15.82 25.52
CA SER B 114 6.78 15.87 25.52
CA SER B 114 6.74 15.90 25.53
C SER B 114 8.15 16.25 26.22
C SER B 114 8.10 16.25 26.20
C SER B 114 8.07 16.25 26.21
N THR B 115 8.02 17.01 27.29
CA THR B 115 9.21 17.51 28.01
C THR B 115 9.89 16.37 28.71
N GLY B 116 9.10 15.45 29.26
CA GLY B 116 9.67 14.39 30.10
C GLY B 116 10.61 13.61 29.20
N GLY B 117 10.21 13.27 27.95
CA GLY B 117 11.16 12.49 27.14
C GLY B 117 12.48 13.25 26.84
N SER B 118 12.45 14.57 26.59
CA SER B 118 13.71 15.27 26.28
C SER B 118 14.62 15.36 27.51
N VAL B 119 14.04 15.73 28.66
CA VAL B 119 14.88 15.86 29.88
C VAL B 119 15.40 14.51 30.33
N ALA B 120 14.58 13.48 30.18
CA ALA B 120 15.03 12.14 30.55
C ALA B 120 16.16 11.67 29.67
N GLY B 121 16.09 11.93 28.36
CA GLY B 121 17.15 11.63 27.45
C GLY B 121 18.43 12.35 27.84
N ALA B 122 18.30 13.65 28.17
CA ALA B 122 19.53 14.40 28.48
C ALA B 122 20.16 13.79 29.75
N VAL B 123 19.31 13.37 30.70
CA VAL B 123 19.85 12.73 31.96
C VAL B 123 20.61 11.44 31.61
N LYS B 124 20.05 10.61 30.73
CA LYS B 124 20.79 9.43 30.25
C LYS B 124 22.10 9.69 29.54
N LEU B 125 22.12 10.70 28.68
CA LEU B 125 23.34 11.09 28.07
C LEU B 125 24.38 11.59 29.14
N ASN B 126 23.96 12.40 30.10
CA ASN B 126 24.90 12.94 31.09
C ASN B 126 25.51 11.81 31.93
N ARG B 127 24.71 10.80 32.20
CA ARG B 127 25.17 9.63 33.01
C ARG B 127 25.93 8.60 32.19
N GLN B 128 26.11 8.88 30.91
CA GLN B 128 26.85 8.05 30.01
C GLN B 128 26.26 6.68 29.92
N GLN B 129 24.96 6.61 30.13
CA GLN B 129 24.24 5.34 29.91
C GLN B 129 23.81 5.08 28.46
N THR B 130 23.88 6.09 27.58
CA THR B 130 23.59 5.89 26.18
C THR B 130 24.43 6.83 25.38
N ASP B 131 24.60 6.55 24.08
CA ASP B 131 25.27 7.45 23.20
C ASP B 131 24.26 8.39 22.47
N MET B 132 23.08 7.86 22.23
CA MET B 132 22.01 8.63 21.54
C MET B 132 20.70 8.47 22.23
N ALA B 133 19.90 9.56 22.33
CA ALA B 133 18.61 9.42 22.97
C ALA B 133 17.66 10.06 21.91
N VAL B 134 16.48 9.53 21.75
CA VAL B 134 15.53 10.03 20.70
C VAL B 134 14.24 10.32 21.39
N ASN B 135 13.61 11.52 21.12
CA ASN B 135 12.27 11.76 21.61
C ASN B 135 11.51 12.49 20.49
N TRP B 136 10.80 11.73 19.70
CA TRP B 136 10.06 12.37 18.51
C TRP B 136 8.88 13.29 18.98
N ALA B 137 8.43 13.18 20.24
CA ALA B 137 7.37 14.03 20.82
C ALA B 137 7.91 15.38 21.23
N GLY B 138 9.22 15.55 21.17
CA GLY B 138 9.87 16.78 21.66
C GLY B 138 10.22 17.69 20.47
N GLY B 139 11.03 18.71 20.74
CA GLY B 139 11.46 19.62 19.61
C GLY B 139 10.59 20.88 19.47
N LEU B 140 9.99 21.30 20.59
CA LEU B 140 8.98 22.38 20.58
C LEU B 140 9.69 23.76 20.68
N HIS B 141 10.36 24.12 19.59
CA HIS B 141 11.38 25.12 19.69
C HIS B 141 10.90 26.61 19.75
N HIS B 142 9.58 26.83 19.53
CA HIS B 142 9.05 28.21 19.52
C HIS B 142 8.63 28.69 20.89
N ALA B 143 8.38 27.78 21.84
CA ALA B 143 7.91 28.27 23.18
C ALA B 143 8.91 29.19 23.86
N LYS B 144 8.37 30.24 24.48
CA LYS B 144 9.17 31.27 25.14
C LYS B 144 9.05 31.15 26.68
N LYS B 145 9.85 31.89 27.40
CA LYS B 145 9.92 31.79 28.86
C LYS B 145 8.54 31.93 29.52
N SER B 146 7.76 32.90 29.02
N SER B 146 7.73 32.89 29.07
CA SER B 146 6.45 33.14 29.56
CA SER B 146 6.40 32.96 29.64
C SER B 146 5.34 33.22 28.57
C SER B 146 5.32 33.15 28.61
N GLU B 147 5.43 32.50 27.43
CA GLU B 147 4.30 32.51 26.53
C GLU B 147 4.39 31.35 25.55
N ALA B 148 3.22 30.95 25.07
CA ALA B 148 3.16 29.86 24.00
C ALA B 148 3.44 30.55 22.65
N SER B 149 3.80 29.77 21.62
CA SER B 149 4.00 30.37 20.29
C SER B 149 4.08 29.26 19.33
N GLY B 150 3.44 29.40 18.16
CA GLY B 150 3.75 28.40 17.06
C GLY B 150 3.36 26.95 17.32
N PHE B 151 2.30 26.74 18.11
CA PHE B 151 1.70 25.43 18.49
C PHE B 151 2.52 24.88 19.67
N CYS B 152 3.57 25.57 20.12
CA CYS B 152 4.42 25.08 21.24
C CYS B 152 4.06 25.75 22.56
N TYR B 153 4.08 25.02 23.69
CA TYR B 153 3.72 25.58 24.98
C TYR B 153 4.93 25.57 25.96
N VAL B 154 5.68 24.49 26.02
CA VAL B 154 6.79 24.33 26.96
C VAL B 154 7.95 23.97 26.06
N ASN B 155 9.04 24.71 26.24
CA ASN B 155 10.25 24.49 25.42
C ASN B 155 11.12 23.37 26.02
N ASP B 156 10.80 22.14 25.56
CA ASP B 156 11.48 20.92 26.07
C ASP B 156 12.95 20.98 25.65
N ILE B 157 13.26 21.68 24.55
CA ILE B 157 14.66 21.72 24.09
C ILE B 157 15.48 22.54 25.03
N VAL B 158 14.94 23.71 25.37
CA VAL B 158 15.69 24.59 26.33
C VAL B 158 15.89 23.81 27.63
N LEU B 159 14.87 23.11 28.10
CA LEU B 159 15.02 22.39 29.40
C LEU B 159 16.02 21.26 29.27
N ALA B 160 16.01 20.55 28.12
CA ALA B 160 17.04 19.50 27.91
C ALA B 160 18.47 20.02 27.84
N ILE B 161 18.64 21.15 27.17
CA ILE B 161 19.94 21.75 27.06
C ILE B 161 20.40 22.23 28.47
N LEU B 162 19.48 22.77 29.26
CA LEU B 162 19.88 23.16 30.66
C LEU B 162 20.34 21.92 31.47
N GLU B 163 19.69 20.78 31.23
CA GLU B 163 20.15 19.50 31.80
C GLU B 163 21.52 19.10 31.32
N LEU B 164 21.75 19.14 30.01
CA LEU B 164 23.09 18.84 29.48
C LEU B 164 24.17 19.77 30.05
N LEU B 165 23.85 21.05 30.21
CA LEU B 165 24.84 22.06 30.63
C LEU B 165 25.24 21.77 32.10
N LYS B 166 24.51 20.91 32.79
CA LYS B 166 25.09 20.50 34.15
C LYS B 166 26.40 19.74 34.05
N TYR B 167 26.57 18.96 32.99
CA TYR B 167 27.75 18.09 32.80
C TYR B 167 28.64 18.52 31.65
N HIS B 168 28.09 19.31 30.70
CA HIS B 168 28.85 19.70 29.52
C HIS B 168 29.13 21.17 29.43
N GLN B 169 30.40 21.54 29.27
CA GLN B 169 30.75 22.97 29.22
C GLN B 169 30.17 23.70 27.95
N ARG B 170 30.18 23.01 26.80
CA ARG B 170 29.72 23.59 25.53
C ARG B 170 28.74 22.57 24.89
N VAL B 171 27.54 23.05 24.50
CA VAL B 171 26.56 22.17 23.85
C VAL B 171 26.19 22.85 22.53
N LEU B 172 26.12 22.05 21.48
CA LEU B 172 25.79 22.57 20.17
C LEU B 172 24.33 22.16 19.91
N TYR B 173 23.55 23.12 19.46
CA TYR B 173 22.14 22.87 19.06
C TYR B 173 22.03 23.07 17.54
N ILE B 174 21.51 22.08 16.81
CA ILE B 174 21.31 22.16 15.33
C ILE B 174 19.84 21.98 15.04
N ASP B 175 19.30 22.85 14.19
CA ASP B 175 17.84 22.85 13.98
C ASP B 175 17.48 22.83 12.46
N ILE B 176 16.96 21.70 11.96
CA ILE B 176 16.67 21.56 10.50
C ILE B 176 15.13 21.56 10.23
N ASP B 177 14.39 22.02 11.26
CA ASP B 177 12.98 22.35 11.03
C ASP B 177 12.95 23.50 9.98
N ILE B 178 11.89 23.58 9.18
CA ILE B 178 11.88 24.69 8.19
C ILE B 178 11.80 26.08 8.91
N HIS B 179 11.31 26.16 10.15
CA HIS B 179 11.16 27.45 10.88
C HIS B 179 12.39 27.75 11.68
N HIS B 180 12.71 29.04 11.83
CA HIS B 180 13.77 29.41 12.73
C HIS B 180 13.46 28.95 14.18
N GLY B 181 14.46 28.38 14.87
CA GLY B 181 14.15 27.94 16.23
C GLY B 181 14.40 29.12 17.20
N ASP B 182 13.45 30.02 17.21
CA ASP B 182 13.58 31.29 17.90
C ASP B 182 13.60 31.16 19.45
N GLY B 183 12.78 30.26 20.01
CA GLY B 183 12.69 30.13 21.49
C GLY B 183 14.01 29.60 22.00
N VAL B 184 14.66 28.70 21.26
CA VAL B 184 15.95 28.18 21.74
C VAL B 184 17.02 29.25 21.56
N GLU B 185 17.04 29.88 20.37
CA GLU B 185 18.05 30.90 20.11
C GLU B 185 17.94 32.05 21.17
N GLU B 186 16.75 32.45 21.50
CA GLU B 186 16.54 33.48 22.47
C GLU B 186 17.00 33.10 23.86
N ALA B 187 16.63 31.88 24.30
CA ALA B 187 17.12 31.41 25.62
C ALA B 187 18.64 31.55 25.83
N PHE B 188 19.43 31.23 24.77
CA PHE B 188 20.87 31.20 24.90
C PHE B 188 21.62 32.31 24.16
N TYR B 189 20.91 33.36 23.77
CA TYR B 189 21.47 34.30 22.79
C TYR B 189 22.70 35.05 23.39
N THR B 190 22.77 35.15 24.72
CA THR B 190 23.87 35.90 25.39
C THR B 190 24.90 34.99 26.05
N THR B 191 24.87 33.68 25.73
CA THR B 191 25.89 32.77 26.28
C THR B 191 26.73 32.06 25.23
N ASP B 192 28.00 31.78 25.58
CA ASP B 192 28.84 31.01 24.70
C ASP B 192 28.81 29.54 25.06
N ARG B 193 28.05 29.14 26.08
CA ARG B 193 28.02 27.73 26.43
C ARG B 193 27.01 26.95 25.59
N VAL B 194 26.21 27.66 24.80
CA VAL B 194 25.37 26.93 23.81
C VAL B 194 25.53 27.68 22.48
N MET B 195 25.94 26.97 21.44
CA MET B 195 25.93 27.55 20.11
C MET B 195 24.68 27.01 19.45
N THR B 196 23.88 27.90 18.91
CA THR B 196 22.67 27.48 18.18
C THR B 196 22.87 27.70 16.68
N VAL B 197 22.54 26.66 15.88
CA VAL B 197 22.71 26.72 14.40
C VAL B 197 21.35 26.37 13.80
N SER B 198 20.70 27.35 13.16
CA SER B 198 19.44 27.03 12.50
C SER B 198 19.52 27.26 10.97
N PHE B 199 19.00 26.28 10.21
CA PHE B 199 18.72 26.45 8.79
C PHE B 199 17.23 26.59 8.63
N HIS B 200 16.73 27.59 7.89
CA HIS B 200 15.28 27.80 7.91
C HIS B 200 14.90 28.71 6.72
N LYS B 201 13.64 28.60 6.35
CA LYS B 201 13.07 29.57 5.36
C LYS B 201 13.00 30.91 6.03
N TYR B 202 13.41 31.96 5.26
CA TYR B 202 13.40 33.28 5.88
C TYR B 202 12.83 34.27 4.77
N GLY B 203 11.97 35.17 5.23
CA GLY B 203 11.40 36.25 4.32
C GLY B 203 9.91 36.12 4.41
N GLU B 204 9.30 36.96 5.21
CA GLU B 204 7.82 36.99 5.35
C GLU B 204 7.29 35.61 5.74
N TYR B 205 7.96 34.99 6.72
CA TYR B 205 7.62 33.62 7.08
C TYR B 205 7.72 33.50 8.59
N PHE B 206 6.87 32.68 9.20
CA PHE B 206 6.93 32.44 10.68
C PHE B 206 8.29 31.96 11.12
N PRO B 207 8.91 32.47 12.20
CA PRO B 207 8.37 33.42 13.16
C PRO B 207 8.82 34.87 12.88
N GLY B 208 9.59 35.05 11.83
CA GLY B 208 10.07 36.38 11.39
C GLY B 208 11.50 36.70 11.79
N THR B 209 12.17 35.80 12.52
CA THR B 209 13.49 36.03 13.03
C THR B 209 14.46 35.10 12.36
N GLY B 210 15.75 35.17 12.73
CA GLY B 210 16.71 34.27 12.17
C GLY B 210 17.39 34.85 10.96
N ASP B 211 17.56 36.17 10.99
CA ASP B 211 18.35 36.83 9.90
C ASP B 211 19.82 36.40 9.97
N LEU B 212 20.54 36.34 8.82
CA LEU B 212 21.99 36.02 8.80
C LEU B 212 22.77 36.92 9.82
N ARG B 213 22.27 38.14 10.02
CA ARG B 213 22.97 39.13 10.84
C ARG B 213 22.74 38.99 12.36
N ASP B 214 21.84 38.07 12.76
CA ASP B 214 21.58 37.81 14.16
C ASP B 214 22.63 36.80 14.58
N ILE B 215 23.66 37.28 15.27
CA ILE B 215 24.78 36.41 15.57
C ILE B 215 25.06 36.24 17.07
N GLY B 216 24.16 36.71 17.93
CA GLY B 216 24.31 36.59 19.38
C GLY B 216 24.72 37.94 19.97
N ALA B 217 24.76 38.01 21.29
CA ALA B 217 25.05 39.31 21.97
C ALA B 217 25.88 39.07 23.22
N GLY B 218 26.68 40.08 23.61
CA GLY B 218 27.45 39.87 24.82
C GLY B 218 28.43 38.77 24.72
N LYS B 219 28.48 37.93 25.76
CA LYS B 219 29.43 36.84 25.74
C LYS B 219 28.99 35.85 24.64
N GLY B 220 27.76 35.98 24.19
CA GLY B 220 27.27 35.03 23.13
C GLY B 220 27.43 35.55 21.70
N LYS B 221 28.13 36.69 21.52
CA LYS B 221 28.36 37.16 20.15
C LYS B 221 29.17 36.15 19.38
N TYR B 222 28.71 35.84 18.16
CA TYR B 222 29.18 34.77 17.32
C TYR B 222 28.74 33.33 17.72
N TYR B 223 27.94 33.15 18.73
CA TYR B 223 27.53 31.76 19.11
C TYR B 223 26.10 31.53 18.75
N ALA B 224 25.55 32.39 17.88
CA ALA B 224 24.27 32.05 17.20
C ALA B 224 24.54 32.10 15.69
N VAL B 225 24.15 31.05 14.98
CA VAL B 225 24.40 30.97 13.55
C VAL B 225 23.06 30.69 12.82
N ASN B 226 22.71 31.55 11.85
CA ASN B 226 21.44 31.40 11.11
C ASN B 226 21.74 31.30 9.63
N PHE B 227 21.20 30.28 8.96
CA PHE B 227 21.33 30.19 7.49
C PHE B 227 19.93 30.32 6.88
N PRO B 228 19.61 31.52 6.42
CA PRO B 228 18.31 31.79 5.87
C PRO B 228 18.21 31.28 4.43
N MET B 229 17.10 30.62 4.11
CA MET B 229 16.93 30.03 2.79
C MET B 229 15.62 30.46 2.12
N ARG B 230 15.51 30.21 0.81
CA ARG B 230 14.29 30.54 0.09
C ARG B 230 13.52 29.23 -0.21
N ASP B 231 12.31 29.35 -0.75
CA ASP B 231 11.52 28.15 -1.19
C ASP B 231 12.26 27.24 -2.09
N GLY B 232 11.97 25.95 -1.91
CA GLY B 232 12.38 24.91 -2.87
C GLY B 232 13.75 24.35 -2.79
N ILE B 233 14.40 24.56 -1.67
CA ILE B 233 15.67 23.94 -1.53
C ILE B 233 15.54 22.42 -1.62
N ASP B 234 16.55 21.78 -2.25
CA ASP B 234 16.49 20.36 -2.53
C ASP B 234 17.65 19.64 -1.84
N ASP B 235 17.68 18.32 -1.95
CA ASP B 235 18.62 17.55 -1.21
C ASP B 235 20.12 17.86 -1.54
N GLU B 236 20.37 17.99 -2.84
N GLU B 236 20.45 17.98 -2.82
CA GLU B 236 21.68 18.32 -3.41
CA GLU B 236 21.87 18.25 -3.19
C GLU B 236 22.20 19.58 -2.72
C GLU B 236 22.27 19.64 -2.65
N SER B 237 21.41 20.64 -2.84
CA SER B 237 21.74 22.01 -2.37
C SER B 237 21.88 22.08 -0.84
N TYR B 238 20.93 21.44 -0.13
CA TYR B 238 20.97 21.52 1.34
C TYR B 238 22.22 20.80 1.82
N GLY B 239 22.52 19.65 1.22
CA GLY B 239 23.57 18.79 1.75
C GLY B 239 24.95 19.37 1.53
N GLN B 240 25.06 20.12 0.43
CA GLN B 240 26.29 20.90 0.07
C GLN B 240 26.58 22.05 1.00
N ILE B 241 25.59 22.59 1.67
CA ILE B 241 25.97 23.53 2.73
C ILE B 241 25.93 23.00 4.14
N PHE B 242 25.11 21.96 4.42
CA PHE B 242 25.03 21.50 5.80
C PHE B 242 26.36 20.88 6.24
N LYS B 243 26.94 19.97 5.41
CA LYS B 243 28.16 19.30 5.89
C LYS B 243 29.35 20.27 6.20
N PRO B 244 29.66 21.20 5.28
CA PRO B 244 30.73 22.15 5.52
C PRO B 244 30.47 23.08 6.73
N ILE B 245 29.23 23.56 6.88
N ILE B 245 29.23 23.54 6.90
CA ILE B 245 28.87 24.41 8.02
CA ILE B 245 28.94 24.40 8.03
C ILE B 245 29.05 23.67 9.34
C ILE B 245 29.08 23.66 9.36
N ILE B 246 28.49 22.47 9.41
CA ILE B 246 28.51 21.72 10.64
C ILE B 246 29.99 21.33 10.93
N SER B 247 30.74 20.92 9.91
CA SER B 247 32.17 20.58 10.14
C SER B 247 32.97 21.77 10.70
N LYS B 248 32.74 22.96 10.18
CA LYS B 248 33.47 24.13 10.67
C LYS B 248 33.05 24.47 12.09
N VAL B 249 31.74 24.39 12.33
CA VAL B 249 31.28 24.62 13.70
C VAL B 249 31.95 23.62 14.64
N MET B 250 32.00 22.35 14.24
CA MET B 250 32.53 21.38 15.17
C MET B 250 34.05 21.70 15.44
N GLU B 251 34.74 22.05 14.37
CA GLU B 251 36.18 22.37 14.50
C GLU B 251 36.43 23.59 15.41
N MET B 252 35.64 24.65 15.26
CA MET B 252 35.90 25.89 15.94
C MET B 252 35.30 25.90 17.37
N TYR B 253 34.13 25.28 17.54
CA TYR B 253 33.42 25.34 18.80
C TYR B 253 33.75 24.19 19.72
N GLN B 254 34.02 23.01 19.15
N GLN B 254 34.05 23.01 19.15
CA GLN B 254 34.35 21.77 19.90
CA GLN B 254 34.33 21.78 19.89
C GLN B 254 33.37 21.44 21.04
C GLN B 254 33.35 21.50 21.05
N PRO B 255 32.06 21.28 20.69
CA PRO B 255 31.09 20.96 21.71
C PRO B 255 31.32 19.59 22.32
N SER B 256 30.79 19.34 23.50
CA SER B 256 30.91 17.96 23.99
C SER B 256 29.58 17.23 23.97
N ALA B 257 28.50 17.91 23.51
CA ALA B 257 27.20 17.23 23.41
C ALA B 257 26.44 18.00 22.31
N VAL B 258 25.54 17.27 21.68
CA VAL B 258 24.82 17.86 20.51
C VAL B 258 23.35 17.58 20.68
N VAL B 259 22.52 18.57 20.35
CA VAL B 259 21.05 18.34 20.36
C VAL B 259 20.60 18.67 18.90
N LEU B 260 19.87 17.73 18.25
CA LEU B 260 19.50 17.90 16.86
C LEU B 260 17.99 17.89 16.80
N GLN B 261 17.42 19.00 16.36
CA GLN B 261 15.92 19.13 16.22
C GLN B 261 15.66 18.76 14.76
N CYS B 262 14.91 17.70 14.53
CA CYS B 262 14.72 17.10 13.20
C CYS B 262 13.29 17.39 12.69
N GLY B 263 12.86 18.62 12.84
CA GLY B 263 11.47 18.95 12.38
C GLY B 263 11.28 18.54 10.90
N ALA B 264 10.16 17.90 10.60
CA ALA B 264 9.99 17.27 9.27
C ALA B 264 9.12 18.18 8.37
N ASP B 265 8.87 19.39 8.84
CA ASP B 265 8.16 20.39 7.99
C ASP B 265 9.10 20.98 6.93
N SER B 266 10.36 20.55 6.91
CA SER B 266 11.28 20.88 5.82
C SER B 266 11.19 19.88 4.64
N LEU B 267 10.31 18.88 4.72
CA LEU B 267 10.23 17.86 3.65
C LEU B 267 9.34 18.31 2.49
N SER B 268 9.63 17.81 1.29
CA SER B 268 8.83 18.04 0.10
C SER B 268 7.36 17.64 0.42
N GLY B 269 6.42 18.48 -0.02
CA GLY B 269 4.99 18.10 0.11
C GLY B 269 4.39 18.44 1.46
N ASP B 270 5.13 19.15 2.33
CA ASP B 270 4.60 19.41 3.68
C ASP B 270 3.39 20.33 3.50
N ARG B 271 2.37 20.18 4.32
CA ARG B 271 1.17 20.99 4.17
C ARG B 271 1.44 22.45 4.42
N LEU B 272 2.37 22.75 5.32
CA LEU B 272 2.69 24.17 5.70
C LEU B 272 4.06 24.69 5.19
N GLY B 273 5.00 23.82 4.86
CA GLY B 273 6.35 24.24 4.46
C GLY B 273 6.55 24.28 2.95
N CYS B 274 7.63 24.94 2.57
N CYS B 274 7.58 24.95 2.47
CA CYS B 274 7.89 25.31 1.22
CA CYS B 274 7.77 25.02 1.02
C CYS B 274 9.24 24.77 0.70
C CYS B 274 9.17 24.64 0.61
N PHE B 275 9.80 23.75 1.38
CA PHE B 275 11.05 23.17 0.92
C PHE B 275 10.79 21.90 0.06
N ASN B 276 11.84 21.40 -0.56
CA ASN B 276 11.75 20.19 -1.40
C ASN B 276 12.78 19.11 -1.05
N LEU B 277 12.93 18.83 0.27
CA LEU B 277 13.83 17.74 0.69
C LEU B 277 13.12 16.41 0.72
N THR B 278 13.85 15.36 0.42
CA THR B 278 13.30 14.01 0.58
C THR B 278 13.74 13.49 1.93
N VAL B 279 13.19 12.32 2.31
CA VAL B 279 13.55 11.68 3.55
C VAL B 279 15.06 11.39 3.57
N LYS B 280 15.61 10.94 2.45
CA LYS B 280 17.06 10.72 2.42
C LYS B 280 17.85 12.00 2.64
N GLY B 281 17.40 13.10 2.03
CA GLY B 281 18.17 14.35 2.14
C GLY B 281 18.06 14.94 3.56
N HIS B 282 16.93 14.73 4.21
CA HIS B 282 16.75 15.19 5.55
C HIS B 282 17.60 14.30 6.49
N ALA B 283 17.60 12.98 6.28
CA ALA B 283 18.31 12.08 7.18
C ALA B 283 19.85 12.11 7.01
N LYS B 284 20.32 12.60 5.90
N LYS B 284 20.30 12.63 5.88
CA LYS B 284 21.76 12.81 5.69
CA LYS B 284 21.75 12.88 5.61
C LYS B 284 22.27 13.73 6.80
C LYS B 284 22.31 13.82 6.68
N CYS B 285 21.45 14.68 7.21
CA CYS B 285 21.83 15.55 8.36
C CYS B 285 22.17 14.75 9.61
N VAL B 286 21.34 13.72 9.94
CA VAL B 286 21.59 12.89 11.07
C VAL B 286 22.86 12.13 10.83
N GLU B 287 23.02 11.57 9.63
CA GLU B 287 24.28 10.87 9.36
C GLU B 287 25.56 11.72 9.57
N VAL B 288 25.58 12.93 9.02
CA VAL B 288 26.69 13.85 9.27
C VAL B 288 26.95 14.10 10.75
N VAL B 289 25.90 14.38 11.56
CA VAL B 289 26.11 14.73 12.95
C VAL B 289 26.68 13.54 13.65
N LYS B 290 26.18 12.37 13.26
CA LYS B 290 26.71 11.13 13.88
C LYS B 290 28.23 10.88 13.70
N THR B 291 28.80 11.29 12.57
CA THR B 291 30.24 11.08 12.33
C THR B 291 31.17 11.74 13.34
N PHE B 292 30.69 12.71 14.11
CA PHE B 292 31.51 13.34 15.18
C PHE B 292 31.60 12.59 16.49
N ASN B 293 30.82 11.52 16.60
CA ASN B 293 30.80 10.64 17.81
C ASN B 293 30.67 11.40 19.10
N LEU B 294 29.72 12.34 19.17
CA LEU B 294 29.41 13.02 20.44
C LEU B 294 28.08 12.51 20.92
N PRO B 295 27.81 12.58 22.24
CA PRO B 295 26.50 12.27 22.87
C PRO B 295 25.48 13.15 22.09
N LEU B 296 24.42 12.51 21.68
CA LEU B 296 23.44 13.19 20.74
C LEU B 296 22.02 12.96 21.25
N LEU B 297 21.20 14.05 21.35
CA LEU B 297 19.81 13.96 21.70
C LEU B 297 19.09 14.38 20.38
N MET B 298 18.27 13.49 19.82
N MET B 298 18.27 13.49 19.82
CA MET B 298 17.55 13.71 18.58
CA MET B 298 17.56 13.74 18.57
C MET B 298 16.10 13.97 18.99
C MET B 298 16.10 13.97 18.97
N LEU B 299 15.54 15.08 18.48
CA LEU B 299 14.18 15.50 18.83
C LEU B 299 13.35 15.72 17.57
N GLY B 300 12.03 15.65 17.75
CA GLY B 300 11.10 15.84 16.62
C GLY B 300 10.93 17.37 16.40
N GLY B 301 9.76 17.79 16.00
CA GLY B 301 9.68 19.20 15.61
C GLY B 301 8.43 19.26 14.74
N GLY B 302 8.38 20.20 13.80
CA GLY B 302 7.14 20.33 13.01
C GLY B 302 6.96 19.20 11.99
N GLY B 303 5.88 19.24 11.23
CA GLY B 303 5.71 18.25 10.18
C GLY B 303 4.18 18.04 10.11
N TYR B 304 3.61 18.31 8.93
CA TYR B 304 2.15 18.47 8.84
C TYR B 304 1.56 17.59 7.75
N THR B 305 2.38 16.95 6.93
CA THR B 305 1.86 15.83 6.03
C THR B 305 2.18 14.54 6.74
N ILE B 306 1.22 14.00 7.48
CA ILE B 306 1.69 13.09 8.59
C ILE B 306 2.21 11.78 8.07
N ARG B 307 1.75 11.35 6.87
CA ARG B 307 2.42 10.12 6.37
C ARG B 307 3.94 10.36 6.15
N ASN B 308 4.34 11.56 5.75
CA ASN B 308 5.76 11.76 5.48
C ASN B 308 6.57 12.03 6.75
N VAL B 309 5.95 12.60 7.76
CA VAL B 309 6.55 12.68 9.09
C VAL B 309 6.88 11.27 9.61
N ALA B 310 5.90 10.35 9.58
CA ALA B 310 6.18 8.96 10.00
C ALA B 310 7.32 8.30 9.20
N ARG B 311 7.31 8.47 7.88
CA ARG B 311 8.44 7.95 7.08
C ARG B 311 9.81 8.55 7.55
N CYS B 312 9.84 9.86 7.69
CA CYS B 312 11.09 10.56 7.98
C CYS B 312 11.69 10.11 9.36
N TRP B 313 10.85 10.12 10.41
CA TRP B 313 11.37 9.84 11.74
C TRP B 313 11.62 8.33 11.86
N THR B 314 10.91 7.52 11.11
CA THR B 314 11.24 6.04 11.12
C THR B 314 12.64 5.86 10.52
N TYR B 315 12.82 6.49 9.36
CA TYR B 315 14.14 6.32 8.66
C TYR B 315 15.27 6.95 9.52
N GLU B 316 15.01 8.11 10.19
CA GLU B 316 16.06 8.69 11.00
C GLU B 316 16.42 7.80 12.21
N THR B 317 15.41 7.12 12.75
CA THR B 317 15.66 6.15 13.86
C THR B 317 16.59 5.05 13.33
N ALA B 318 16.28 4.54 12.16
CA ALA B 318 17.15 3.51 11.51
C ALA B 318 18.55 4.00 11.31
N VAL B 319 18.68 5.24 10.82
CA VAL B 319 20.02 5.87 10.75
C VAL B 319 20.72 5.91 12.09
N ALA B 320 20.06 6.31 13.20
CA ALA B 320 20.67 6.33 14.49
C ALA B 320 21.18 4.94 14.89
N LEU B 321 20.44 3.92 14.48
CA LEU B 321 20.77 2.50 14.82
C LEU B 321 21.76 1.88 13.84
N ASP B 322 22.20 2.62 12.85
CA ASP B 322 23.05 2.12 11.77
C ASP B 322 22.47 0.94 11.05
N CYS B 323 21.16 1.00 10.73
N CYS B 323 21.15 0.96 10.85
CA CYS B 323 20.40 -0.13 10.18
CA CYS B 323 20.45 -0.06 10.11
C CYS B 323 19.76 0.31 8.87
C CYS B 323 20.10 0.54 8.75
N GLU B 324 20.02 -0.32 7.73
CA GLU B 324 19.27 0.05 6.55
C GLU B 324 17.96 -0.70 6.70
N ILE B 325 16.88 -0.06 6.26
CA ILE B 325 15.59 -0.72 6.27
C ILE B 325 15.09 -0.69 4.82
N PRO B 326 14.28 -1.68 4.44
CA PRO B 326 13.79 -1.71 3.01
C PRO B 326 12.81 -0.58 2.63
N ASN B 327 12.84 -0.19 1.37
CA ASN B 327 11.88 0.83 0.90
C ASN B 327 10.45 0.32 0.93
N GLU B 328 10.25 -0.99 0.87
CA GLU B 328 8.86 -1.53 0.87
C GLU B 328 8.31 -1.44 2.31
N LEU B 329 7.21 -0.69 2.51
CA LEU B 329 6.74 -0.53 3.89
C LEU B 329 6.19 -1.86 4.43
N PRO B 330 6.47 -2.19 5.70
CA PRO B 330 5.82 -3.37 6.27
C PRO B 330 4.32 -3.06 6.54
N TYR B 331 3.50 -4.11 6.55
CA TYR B 331 2.12 -3.88 7.00
C TYR B 331 2.16 -3.25 8.40
N ASN B 332 1.20 -2.36 8.69
CA ASN B 332 1.12 -1.68 10.01
C ASN B 332 -0.29 -1.15 10.25
N ASP B 333 -0.54 -0.66 11.46
CA ASP B 333 -1.92 -0.22 11.80
C ASP B 333 -2.41 0.91 10.96
N TYR B 334 -1.52 1.64 10.26
CA TYR B 334 -1.93 2.81 9.47
C TYR B 334 -1.56 2.66 7.99
N PHE B 335 -1.58 1.42 7.47
CA PHE B 335 -0.92 1.16 6.22
C PHE B 335 -1.60 1.93 5.07
N GLU B 336 -2.91 2.11 5.17
CA GLU B 336 -3.62 2.87 4.15
C GLU B 336 -3.20 4.34 4.01
N TYR B 337 -2.61 4.90 5.06
CA TYR B 337 -2.19 6.30 4.93
C TYR B 337 -0.99 6.50 4.00
N PHE B 338 -0.32 5.43 3.58
CA PHE B 338 0.95 5.53 2.87
C PHE B 338 0.77 5.23 1.38
N GLY B 339 -0.49 5.12 0.95
CA GLY B 339 -0.73 5.02 -0.50
C GLY B 339 -0.36 6.33 -1.19
N PRO B 340 -0.21 6.32 -2.50
CA PRO B 340 -0.55 5.14 -3.35
C PRO B 340 0.55 4.16 -3.55
N ASP B 341 1.78 4.51 -3.08
CA ASP B 341 2.95 3.69 -3.41
C ASP B 341 3.39 2.72 -2.30
N PHE B 342 3.08 3.06 -1.05
CA PHE B 342 3.39 2.21 0.16
C PHE B 342 4.91 2.01 0.22
N LYS B 343 5.64 3.06 -0.13
CA LYS B 343 7.15 3.02 0.02
C LYS B 343 7.57 3.97 1.14
N LEU B 344 8.78 3.76 1.66
CA LEU B 344 9.25 4.58 2.80
C LEU B 344 9.76 5.93 2.23
N HIS B 345 10.50 5.86 1.14
CA HIS B 345 11.13 7.04 0.61
C HIS B 345 10.20 7.83 -0.31
N ILE B 346 10.42 9.15 -0.37
CA ILE B 346 9.51 10.04 -1.15
C ILE B 346 10.28 10.73 -2.24
N SER B 347 9.56 11.17 -3.25
CA SER B 347 10.21 11.82 -4.38
C SER B 347 10.10 13.32 -4.23
N PRO B 348 11.08 14.08 -4.73
CA PRO B 348 10.90 15.51 -4.69
C PRO B 348 9.85 15.92 -5.71
N SER B 349 9.30 17.13 -5.52
CA SER B 349 8.42 17.74 -6.51
C SER B 349 9.16 18.52 -7.61
N ASN B 350 8.38 19.06 -8.57
CA ASN B 350 9.01 19.86 -9.62
C ASN B 350 9.10 21.35 -9.23
N MET B 351 8.83 21.68 -7.97
CA MET B 351 8.97 23.09 -7.55
C MET B 351 10.33 23.71 -7.82
N THR B 352 10.32 24.99 -8.20
CA THR B 352 11.59 25.64 -8.51
C THR B 352 12.43 25.83 -7.24
N ASN B 353 13.72 25.50 -7.31
CA ASN B 353 14.61 25.87 -6.20
C ASN B 353 15.01 27.35 -6.30
N GLN B 354 14.49 28.21 -5.43
CA GLN B 354 14.81 29.65 -5.49
CA GLN B 354 14.85 29.64 -5.53
C GLN B 354 16.20 30.02 -4.93
N ASN B 355 16.88 29.06 -4.30
CA ASN B 355 18.18 29.22 -3.80
C ASN B 355 19.19 28.94 -4.89
N THR B 356 19.71 30.00 -5.49
CA THR B 356 20.76 29.75 -6.50
C THR B 356 22.05 29.24 -5.89
N PRO B 357 22.90 28.62 -6.74
CA PRO B 357 24.20 28.22 -6.23
C PRO B 357 25.04 29.35 -5.68
N GLU B 358 24.97 30.53 -6.33
CA GLU B 358 25.73 31.65 -5.85
C GLU B 358 25.22 32.19 -4.50
N TYR B 359 23.90 32.20 -4.36
CA TYR B 359 23.28 32.63 -3.10
C TYR B 359 23.80 31.70 -1.96
N MET B 360 23.74 30.37 -2.20
N MET B 360 23.74 30.38 -2.21
CA MET B 360 24.18 29.44 -1.13
CA MET B 360 24.17 29.42 -1.19
C MET B 360 25.63 29.63 -0.72
C MET B 360 25.61 29.62 -0.74
N GLU B 361 26.51 29.79 -1.73
CA GLU B 361 27.91 29.99 -1.46
C GLU B 361 28.22 31.31 -0.80
N LYS B 362 27.47 32.33 -1.18
CA LYS B 362 27.67 33.65 -0.60
C LYS B 362 27.27 33.66 0.86
N ILE B 363 26.13 33.04 1.19
CA ILE B 363 25.69 33.00 2.58
C ILE B 363 26.68 32.11 3.35
N LYS B 364 27.07 30.97 2.78
CA LYS B 364 28.07 30.11 3.43
C LYS B 364 29.37 30.88 3.78
N GLN B 365 29.82 31.65 2.82
CA GLN B 365 31.02 32.46 3.02
C GLN B 365 30.84 33.48 4.12
N ARG B 366 29.69 34.16 4.19
CA ARG B 366 29.42 35.10 5.29
C ARG B 366 29.45 34.37 6.66
N LEU B 367 28.81 33.17 6.74
CA LEU B 367 28.85 32.44 8.04
C LEU B 367 30.25 31.96 8.41
N PHE B 368 31.02 31.56 7.41
N PHE B 368 31.05 31.55 7.42
CA PHE B 368 32.40 31.08 7.64
CA PHE B 368 32.43 31.10 7.71
C PHE B 368 33.26 32.24 8.20
C PHE B 368 33.22 32.27 8.27
N GLU B 369 33.01 33.46 7.73
CA GLU B 369 33.60 34.69 8.31
C GLU B 369 33.26 34.85 9.80
N ASN B 370 32.00 34.66 10.16
CA ASN B 370 31.61 34.79 11.58
C ASN B 370 32.24 33.68 12.38
N LEU B 371 32.39 32.51 11.80
CA LEU B 371 32.87 31.38 12.58
C LEU B 371 34.38 31.54 12.90
N ARG B 372 35.09 32.19 12.01
CA ARG B 372 36.50 32.44 12.20
C ARG B 372 36.77 33.42 13.34
N MET B 373 35.71 34.01 13.89
CA MET B 373 35.86 34.99 14.99
C MET B 373 35.79 34.35 16.37
N LEU B 374 35.48 33.06 16.44
CA LEU B 374 35.59 32.27 17.69
C LEU B 374 37.03 32.07 18.15
N PRO B 375 37.24 31.82 19.46
CA PRO B 375 38.55 31.39 19.98
C PRO B 375 39.00 30.02 19.46
N LYS C 9 12.92 21.55 -36.98
CA LYS C 9 11.76 20.74 -36.50
C LYS C 9 11.93 20.23 -35.05
N LYS C 10 11.71 18.93 -34.83
CA LYS C 10 11.67 18.35 -33.48
C LYS C 10 12.97 17.64 -33.08
N LYS C 11 13.41 17.83 -31.84
CA LYS C 11 14.66 17.21 -31.36
C LYS C 11 14.44 15.77 -30.81
N VAL C 12 15.34 14.86 -31.22
CA VAL C 12 15.27 13.43 -30.86
C VAL C 12 16.53 12.92 -30.13
N CYS C 13 16.36 12.50 -28.88
CA CYS C 13 17.47 11.89 -28.10
C CYS C 13 17.31 10.36 -28.15
N TYR C 14 18.41 9.63 -28.33
CA TYR C 14 18.35 8.20 -28.55
C TYR C 14 19.36 7.53 -27.66
N TYR C 15 18.92 6.43 -27.03
CA TYR C 15 19.69 5.73 -26.00
C TYR C 15 20.17 4.39 -26.50
N TYR C 16 21.47 4.13 -26.37
CA TYR C 16 21.99 2.84 -26.77
C TYR C 16 23.23 2.58 -25.96
N ASP C 17 23.30 1.39 -25.39
CA ASP C 17 24.55 0.91 -24.79
C ASP C 17 25.00 -0.27 -25.60
N GLY C 18 26.19 -0.15 -26.17
CA GLY C 18 26.76 -1.19 -27.05
C GLY C 18 26.95 -2.56 -26.45
N ASP C 19 26.89 -2.67 -25.12
CA ASP C 19 26.91 -4.00 -24.49
C ASP C 19 25.60 -4.77 -24.52
N ILE C 20 24.48 -4.07 -24.75
CA ILE C 20 23.18 -4.73 -24.64
C ILE C 20 23.09 -5.99 -25.50
N GLY C 21 23.73 -5.95 -26.68
CA GLY C 21 23.69 -7.12 -27.60
C GLY C 21 24.42 -8.36 -27.13
N ASN C 22 25.19 -8.22 -26.05
CA ASN C 22 25.93 -9.37 -25.57
C ASN C 22 25.20 -10.27 -24.61
N TYR C 23 24.04 -9.83 -24.09
CA TYR C 23 23.34 -10.64 -23.11
C TYR C 23 22.59 -11.72 -23.83
N TYR C 24 22.61 -12.89 -23.20
CA TYR C 24 22.13 -14.07 -23.81
C TYR C 24 21.19 -14.83 -22.92
N TYR C 25 19.95 -15.00 -23.36
CA TYR C 25 18.96 -15.72 -22.52
C TYR C 25 19.15 -17.19 -22.37
N GLY C 26 19.93 -17.82 -23.24
CA GLY C 26 20.08 -19.27 -23.09
C GLY C 26 19.65 -19.97 -24.36
N GLN C 27 20.17 -21.19 -24.59
CA GLN C 27 19.95 -21.88 -25.87
C GLN C 27 18.46 -22.08 -26.11
N GLY C 28 18.03 -21.69 -27.30
CA GLY C 28 16.66 -21.94 -27.74
C GLY C 28 15.65 -20.90 -27.21
N HIS C 29 16.13 -19.91 -26.44
CA HIS C 29 15.13 -18.95 -25.88
C HIS C 29 14.83 -17.93 -27.00
N PRO C 30 13.54 -17.63 -27.22
CA PRO C 30 13.28 -16.73 -28.34
C PRO C 30 13.74 -15.31 -28.17
N MET C 31 13.92 -14.84 -26.91
CA MET C 31 14.35 -13.45 -26.74
C MET C 31 15.81 -13.26 -27.07
N LYS C 32 16.12 -12.36 -28.01
CA LYS C 32 17.53 -12.16 -28.48
C LYS C 32 17.98 -10.73 -28.40
N PRO C 33 18.66 -10.32 -27.30
CA PRO C 33 19.06 -8.91 -27.16
C PRO C 33 19.93 -8.37 -28.31
N HIS C 34 20.61 -9.27 -29.01
N HIS C 34 20.62 -9.25 -29.02
CA HIS C 34 21.33 -8.91 -30.26
CA HIS C 34 21.38 -8.75 -30.17
C HIS C 34 20.47 -8.09 -31.21
C HIS C 34 20.49 -8.16 -31.30
N ARG C 35 19.16 -8.33 -31.21
CA ARG C 35 18.29 -7.57 -32.11
C ARG C 35 18.40 -6.08 -31.93
N ILE C 36 18.82 -5.63 -30.73
CA ILE C 36 18.96 -4.18 -30.52
C ILE C 36 20.24 -3.68 -31.24
N ARG C 37 21.25 -4.53 -31.26
CA ARG C 37 22.55 -4.09 -31.89
C ARG C 37 22.36 -4.07 -33.41
N MET C 38 21.59 -5.03 -33.92
CA MET C 38 21.18 -5.03 -35.33
C MET C 38 20.41 -3.83 -35.74
N THR C 39 19.40 -3.49 -34.91
CA THR C 39 18.66 -2.27 -35.11
C THR C 39 19.57 -1.05 -35.19
N HIS C 40 20.50 -0.90 -34.23
CA HIS C 40 21.30 0.29 -34.14
C HIS C 40 22.25 0.38 -35.38
N ASN C 41 22.78 -0.76 -35.76
CA ASN C 41 23.74 -0.76 -36.89
C ASN C 41 23.05 -0.33 -38.20
N LEU C 42 21.82 -0.83 -38.40
CA LEU C 42 21.03 -0.49 -39.59
C LEU C 42 20.73 1.01 -39.60
N LEU C 43 20.28 1.55 -38.47
CA LEU C 43 19.98 2.96 -38.45
C LEU C 43 21.23 3.84 -38.62
N LEU C 44 22.38 3.41 -38.12
CA LEU C 44 23.62 4.24 -38.31
C LEU C 44 24.01 4.27 -39.78
N ASN C 45 23.81 3.14 -40.45
CA ASN C 45 24.09 3.04 -41.91
C ASN C 45 23.13 3.81 -42.83
N TYR C 46 21.94 4.13 -42.32
CA TYR C 46 21.02 4.99 -43.04
C TYR C 46 21.36 6.46 -42.79
N GLY C 47 22.32 6.70 -41.90
CA GLY C 47 22.74 8.08 -41.56
C GLY C 47 21.82 8.80 -40.60
N LEU C 48 21.00 8.05 -39.82
CA LEU C 48 20.05 8.73 -38.91
C LEU C 48 20.76 9.26 -37.65
N TYR C 49 21.98 8.79 -37.40
CA TYR C 49 22.85 9.37 -36.35
C TYR C 49 23.26 10.85 -36.54
N ARG C 50 23.25 11.34 -37.78
CA ARG C 50 23.61 12.73 -38.01
C ARG C 50 22.45 13.62 -37.58
N LYS C 51 21.30 13.01 -37.33
CA LYS C 51 20.07 13.76 -37.08
C LYS C 51 19.55 13.67 -35.64
N MET C 52 20.21 12.88 -34.81
CA MET C 52 19.79 12.77 -33.39
C MET C 52 20.96 12.73 -32.41
N GLU C 53 20.72 13.10 -31.16
CA GLU C 53 21.79 12.96 -30.18
C GLU C 53 21.77 11.57 -29.56
N ILE C 54 22.92 10.92 -29.59
CA ILE C 54 23.07 9.54 -29.11
C ILE C 54 23.77 9.53 -27.73
N TYR C 55 23.10 8.92 -26.74
CA TYR C 55 23.61 8.83 -25.39
C TYR C 55 23.70 7.41 -24.93
N ARG C 56 24.73 7.13 -24.14
CA ARG C 56 24.91 5.84 -23.49
C ARG C 56 24.19 5.98 -22.13
N PRO C 57 23.13 5.19 -21.89
CA PRO C 57 22.44 5.36 -20.59
C PRO C 57 23.33 4.94 -19.39
N HIS C 58 23.25 5.66 -18.29
CA HIS C 58 23.79 5.17 -17.01
C HIS C 58 22.96 4.00 -16.56
N LYS C 59 23.60 3.01 -15.96
CA LYS C 59 22.89 1.88 -15.35
C LYS C 59 21.95 2.38 -14.20
N ALA C 60 20.68 1.98 -14.24
CA ALA C 60 19.72 2.28 -13.14
C ALA C 60 20.20 1.59 -11.90
N THR C 61 20.18 2.30 -10.77
CA THR C 61 20.58 1.63 -9.53
C THR C 61 19.47 0.72 -8.99
N ALA C 62 19.84 -0.19 -8.10
CA ALA C 62 18.88 -1.04 -7.41
C ALA C 62 17.93 -0.16 -6.63
N GLU C 63 18.42 0.97 -6.08
CA GLU C 63 17.52 1.87 -5.30
C GLU C 63 16.48 2.48 -6.23
N GLU C 64 16.89 2.89 -7.42
CA GLU C 64 15.94 3.40 -8.42
C GLU C 64 14.87 2.34 -8.72
N MET C 65 15.26 1.08 -8.87
CA MET C 65 14.25 0.07 -9.21
C MET C 65 13.24 -0.14 -8.07
N THR C 66 13.65 0.09 -6.82
CA THR C 66 12.72 -0.13 -5.66
C THR C 66 11.77 0.99 -5.48
N LYS C 67 11.82 2.00 -6.36
CA LYS C 67 10.70 2.94 -6.42
C LYS C 67 9.41 2.28 -6.75
N TYR C 68 9.48 1.14 -7.46
CA TYR C 68 8.24 0.41 -7.80
C TYR C 68 8.36 -1.05 -7.28
N HIS C 69 9.47 -1.69 -7.63
CA HIS C 69 9.61 -3.12 -7.24
C HIS C 69 9.96 -3.34 -5.77
N SER C 70 9.57 -4.51 -5.26
CA SER C 70 9.85 -4.81 -3.85
C SER C 70 11.37 -5.01 -3.65
N ASP C 71 11.84 -4.63 -2.46
CA ASP C 71 13.29 -4.80 -2.12
C ASP C 71 13.73 -6.22 -2.20
N GLU C 72 12.94 -7.16 -1.68
N GLU C 72 12.92 -7.14 -1.67
CA GLU C 72 13.30 -8.58 -1.70
CA GLU C 72 13.22 -8.56 -1.69
C GLU C 72 13.42 -9.12 -3.11
C GLU C 72 13.42 -9.08 -3.11
N TYR C 73 12.55 -8.66 -4.03
CA TYR C 73 12.67 -9.11 -5.44
C TYR C 73 13.91 -8.54 -6.06
N ILE C 74 14.23 -7.27 -5.81
CA ILE C 74 15.37 -6.63 -6.49
C ILE C 74 16.67 -7.26 -5.89
N LYS C 75 16.63 -7.53 -4.60
N LYS C 75 16.66 -7.51 -4.58
CA LYS C 75 17.83 -8.13 -3.91
CA LYS C 75 17.88 -8.13 -3.95
C LYS C 75 18.08 -9.52 -4.52
C LYS C 75 18.09 -9.50 -4.58
N PHE C 76 16.97 -10.20 -4.80
CA PHE C 76 17.06 -11.57 -5.45
C PHE C 76 17.67 -11.45 -6.83
N LEU C 77 17.17 -10.53 -7.68
CA LEU C 77 17.67 -10.37 -9.07
C LEU C 77 19.16 -10.03 -9.05
N ARG C 78 19.54 -9.26 -8.02
CA ARG C 78 20.99 -8.83 -7.89
C ARG C 78 21.85 -10.00 -7.41
N SER C 79 21.24 -10.99 -6.76
CA SER C 79 22.02 -12.11 -6.11
C SER C 79 22.07 -13.41 -6.92
N ILE C 80 21.04 -13.68 -7.69
CA ILE C 80 20.92 -15.05 -8.29
C ILE C 80 21.91 -15.17 -9.47
N ARG C 81 22.47 -16.37 -9.67
CA ARG C 81 23.47 -16.58 -10.74
C ARG C 81 23.23 -18.04 -11.16
N PRO C 82 23.65 -18.40 -12.37
CA PRO C 82 23.43 -19.79 -12.85
C PRO C 82 23.99 -20.85 -11.89
N ASP C 83 25.06 -20.50 -11.19
CA ASP C 83 25.75 -21.45 -10.31
C ASP C 83 25.25 -21.48 -8.86
N ASN C 84 24.30 -20.61 -8.50
CA ASN C 84 23.78 -20.66 -7.16
C ASN C 84 22.29 -20.96 -7.08
N MET C 85 21.67 -21.28 -8.22
CA MET C 85 20.22 -21.55 -8.22
C MET C 85 19.67 -22.54 -7.20
N SER C 86 20.48 -23.54 -6.81
CA SER C 86 20.07 -24.53 -5.84
C SER C 86 19.76 -23.95 -4.46
N GLU C 87 20.49 -22.91 -4.04
CA GLU C 87 20.27 -22.25 -2.75
C GLU C 87 19.07 -21.29 -2.76
N TYR C 88 18.46 -21.07 -3.94
CA TYR C 88 17.37 -20.11 -4.09
C TYR C 88 16.08 -20.67 -4.65
N SER C 89 15.85 -21.98 -4.52
CA SER C 89 14.68 -22.59 -5.18
C SER C 89 13.32 -22.02 -4.68
N LYS C 90 13.22 -21.75 -3.38
CA LYS C 90 11.97 -21.14 -2.89
C LYS C 90 11.77 -19.68 -3.39
N GLN C 91 12.86 -18.92 -3.45
CA GLN C 91 12.80 -17.56 -4.05
C GLN C 91 12.47 -17.59 -5.56
N MET C 92 13.02 -18.55 -6.29
CA MET C 92 12.67 -18.72 -7.73
C MET C 92 11.16 -18.94 -7.93
N GLN C 93 10.55 -19.71 -7.05
CA GLN C 93 9.11 -20.01 -7.19
C GLN C 93 8.37 -18.72 -6.83
N ARG C 94 8.80 -18.09 -5.74
CA ARG C 94 8.14 -16.82 -5.29
C ARG C 94 8.18 -15.75 -6.37
N PHE C 95 9.31 -15.62 -7.04
CA PHE C 95 9.49 -14.46 -7.99
C PHE C 95 9.31 -14.86 -9.45
N ASN C 96 8.93 -16.14 -9.69
CA ASN C 96 8.70 -16.70 -11.07
C ASN C 96 9.95 -16.55 -11.95
N VAL C 97 11.14 -16.93 -11.41
CA VAL C 97 12.35 -16.79 -12.19
C VAL C 97 12.92 -18.22 -12.31
N GLY C 98 13.43 -18.59 -13.50
CA GLY C 98 14.03 -19.92 -13.65
C GLY C 98 13.63 -20.63 -14.93
N GLU C 99 12.44 -20.32 -15.45
CA GLU C 99 11.92 -21.02 -16.64
C GLU C 99 11.86 -20.10 -17.87
N ASP C 100 10.67 -19.60 -18.16
CA ASP C 100 10.46 -18.61 -19.20
C ASP C 100 11.22 -17.32 -18.97
N CYS C 101 11.49 -17.01 -17.69
CA CYS C 101 12.34 -15.86 -17.35
C CYS C 101 13.58 -16.51 -16.72
N PRO C 102 14.54 -16.93 -17.56
CA PRO C 102 15.66 -17.69 -17.01
C PRO C 102 16.68 -16.85 -16.19
N VAL C 103 17.53 -17.56 -15.42
CA VAL C 103 18.72 -16.93 -14.83
C VAL C 103 19.81 -17.06 -15.87
N PHE C 104 20.33 -15.95 -16.32
CA PHE C 104 21.50 -15.92 -17.19
C PHE C 104 22.62 -15.04 -16.63
N ASP C 105 23.86 -15.23 -17.11
CA ASP C 105 24.97 -14.34 -16.75
C ASP C 105 24.67 -12.88 -17.06
N GLY C 106 24.78 -12.00 -16.06
CA GLY C 106 24.63 -10.57 -16.31
C GLY C 106 23.13 -10.09 -16.30
N LEU C 107 22.21 -10.98 -15.91
CA LEU C 107 20.76 -10.66 -15.77
C LEU C 107 20.58 -9.27 -15.14
N PHE C 108 21.22 -9.05 -13.99
CA PHE C 108 20.95 -7.80 -13.28
C PHE C 108 21.44 -6.58 -14.07
N GLU C 109 22.63 -6.67 -14.66
CA GLU C 109 23.10 -5.55 -15.49
C GLU C 109 22.22 -5.35 -16.72
N PHE C 110 21.73 -6.43 -17.29
CA PHE C 110 20.78 -6.28 -18.43
C PHE C 110 19.58 -5.42 -17.98
N CYS C 111 19.03 -5.77 -16.81
CA CYS C 111 17.95 -4.91 -16.21
C CYS C 111 18.34 -3.44 -15.99
N GLN C 112 19.58 -3.20 -15.52
CA GLN C 112 20.03 -1.84 -15.30
C GLN C 112 20.15 -0.98 -16.56
N LEU C 113 20.55 -1.60 -17.65
CA LEU C 113 20.78 -0.91 -18.93
C LEU C 113 19.44 -0.60 -19.59
N SER C 114 18.54 -1.60 -19.62
CA SER C 114 17.20 -1.40 -20.22
C SER C 114 16.47 -0.31 -19.46
N THR C 115 16.49 -0.37 -18.13
CA THR C 115 15.81 0.61 -17.30
C THR C 115 16.46 1.97 -17.37
N GLY C 116 17.79 1.95 -17.36
CA GLY C 116 18.55 3.20 -17.42
C GLY C 116 18.13 4.09 -18.58
N GLY C 117 17.98 3.49 -19.78
CA GLY C 117 17.63 4.30 -20.95
C GLY C 117 16.24 4.87 -20.81
N SER C 118 15.31 4.11 -20.22
CA SER C 118 13.93 4.66 -20.19
C SER C 118 13.83 5.81 -19.18
N VAL C 119 14.41 5.60 -17.99
CA VAL C 119 14.39 6.65 -17.01
C VAL C 119 15.16 7.91 -17.50
N ALA C 120 16.34 7.71 -18.09
CA ALA C 120 17.12 8.85 -18.65
C ALA C 120 16.28 9.63 -19.61
N GLY C 121 15.57 8.91 -20.47
CA GLY C 121 14.68 9.52 -21.47
C GLY C 121 13.62 10.37 -20.83
N ALA C 122 12.98 9.80 -19.79
CA ALA C 122 11.94 10.55 -19.06
C ALA C 122 12.50 11.87 -18.44
N VAL C 123 13.69 11.74 -17.85
CA VAL C 123 14.37 12.87 -17.20
C VAL C 123 14.61 13.99 -18.23
N LYS C 124 15.07 13.60 -19.41
N LYS C 124 15.10 13.61 -19.42
CA LYS C 124 15.35 14.58 -20.48
CA LYS C 124 15.31 14.57 -20.50
C LYS C 124 14.05 15.23 -21.00
C LYS C 124 14.03 15.25 -20.95
N LEU C 125 12.95 14.47 -21.05
CA LEU C 125 11.62 15.08 -21.36
C LEU C 125 11.12 16.02 -20.25
N ASN C 126 11.35 15.65 -18.99
CA ASN C 126 10.91 16.49 -17.85
C ASN C 126 11.66 17.83 -17.87
N ARG C 127 12.95 17.76 -18.14
CA ARG C 127 13.79 18.95 -18.21
C ARG C 127 13.57 19.79 -19.49
N GLN C 128 12.72 19.30 -20.39
CA GLN C 128 12.42 19.96 -21.65
C GLN C 128 13.66 20.13 -22.52
N GLN C 129 14.63 19.21 -22.36
CA GLN C 129 15.87 19.22 -23.11
C GLN C 129 15.67 18.48 -24.46
N THR C 130 14.50 17.84 -24.63
CA THR C 130 14.16 17.15 -25.88
C THR C 130 12.66 17.03 -26.10
N ASP C 131 12.28 16.74 -27.34
CA ASP C 131 10.87 16.54 -27.75
C ASP C 131 10.48 15.06 -27.73
N MET C 132 11.45 14.22 -28.09
N MET C 132 11.44 14.23 -28.12
CA MET C 132 11.26 12.80 -28.18
CA MET C 132 11.30 12.79 -28.18
C MET C 132 12.51 12.10 -27.65
C MET C 132 12.53 12.16 -27.55
N ALA C 133 12.31 11.03 -26.87
CA ALA C 133 13.38 10.18 -26.41
C ALA C 133 13.09 8.74 -26.82
N VAL C 134 14.12 8.01 -27.23
CA VAL C 134 13.92 6.69 -27.79
C VAL C 134 14.85 5.73 -27.07
N ASN C 135 14.30 4.58 -26.66
CA ASN C 135 15.06 3.53 -25.99
C ASN C 135 14.52 2.16 -26.44
N TRP C 136 15.10 1.61 -27.51
CA TRP C 136 14.65 0.37 -28.06
C TRP C 136 14.96 -0.82 -27.16
N ALA C 137 15.85 -0.64 -26.17
CA ALA C 137 16.14 -1.75 -25.28
C ALA C 137 15.14 -1.77 -24.12
N GLY C 138 14.22 -0.83 -24.15
CA GLY C 138 13.16 -0.75 -23.10
C GLY C 138 11.83 -1.39 -23.54
N GLY C 139 10.78 -1.23 -22.73
CA GLY C 139 9.45 -1.75 -23.18
C GLY C 139 9.05 -3.02 -22.49
N LEU C 140 9.65 -3.29 -21.30
CA LEU C 140 9.48 -4.57 -20.60
C LEU C 140 8.15 -4.63 -19.81
N HIS C 141 7.05 -4.61 -20.57
CA HIS C 141 5.81 -4.34 -19.96
C HIS C 141 5.18 -5.38 -19.06
N HIS C 142 5.70 -6.60 -19.01
CA HIS C 142 5.05 -7.64 -18.20
C HIS C 142 5.57 -7.73 -16.77
N ALA C 143 6.71 -7.14 -16.48
CA ALA C 143 7.29 -7.34 -15.12
C ALA C 143 6.35 -6.73 -14.05
N LYS C 144 6.20 -7.40 -12.90
N LYS C 144 6.19 -7.41 -12.92
CA LYS C 144 5.34 -6.97 -11.79
CA LYS C 144 5.34 -6.97 -11.82
C LYS C 144 6.17 -6.49 -10.58
C LYS C 144 6.14 -6.54 -10.59
N LYS C 145 5.50 -5.99 -9.56
N LYS C 145 5.44 -6.05 -9.61
CA LYS C 145 6.25 -5.42 -8.42
CA LYS C 145 6.11 -5.47 -8.46
C LYS C 145 7.20 -6.45 -7.84
C LYS C 145 7.14 -6.45 -7.88
N SER C 146 6.75 -7.71 -7.73
CA SER C 146 7.62 -8.73 -7.10
C SER C 146 7.61 -10.01 -7.88
N GLU C 147 7.60 -9.90 -9.18
CA GLU C 147 7.53 -11.14 -9.98
C GLU C 147 8.04 -10.83 -11.37
N ALA C 148 8.87 -11.70 -11.90
CA ALA C 148 9.20 -11.64 -13.33
C ALA C 148 8.07 -12.30 -14.14
N SER C 149 7.96 -11.90 -15.40
CA SER C 149 6.91 -12.48 -16.24
C SER C 149 7.24 -12.27 -17.71
N GLY C 150 7.03 -13.29 -18.57
CA GLY C 150 7.04 -12.98 -20.02
C GLY C 150 8.38 -12.46 -20.54
N PHE C 151 9.49 -12.97 -19.97
CA PHE C 151 10.86 -12.57 -20.30
C PHE C 151 11.30 -11.25 -19.71
N CYS C 152 10.39 -10.61 -18.94
CA CYS C 152 10.65 -9.25 -18.45
C CYS C 152 10.94 -9.38 -16.93
N TYR C 153 11.96 -8.67 -16.42
CA TYR C 153 12.25 -8.81 -14.93
C TYR C 153 12.02 -7.47 -14.23
N VAL C 154 12.36 -6.36 -14.85
CA VAL C 154 12.15 -5.08 -14.17
C VAL C 154 11.36 -4.22 -15.13
N ASN C 155 10.33 -3.54 -14.58
CA ASN C 155 9.44 -2.81 -15.44
C ASN C 155 9.92 -1.40 -15.69
N ASP C 156 10.70 -1.24 -16.78
CA ASP C 156 11.34 0.07 -17.07
C ASP C 156 10.28 1.09 -17.42
N ILE C 157 9.15 0.62 -17.99
CA ILE C 157 8.11 1.54 -18.36
C ILE C 157 7.47 2.20 -17.13
N VAL C 158 7.14 1.41 -16.16
CA VAL C 158 6.53 1.97 -14.93
C VAL C 158 7.49 2.95 -14.28
N LEU C 159 8.74 2.56 -14.15
CA LEU C 159 9.71 3.48 -13.54
C LEU C 159 9.90 4.80 -14.36
N ALA C 160 9.84 4.71 -15.68
CA ALA C 160 9.92 5.98 -16.48
C ALA C 160 8.68 6.83 -16.31
N ILE C 161 7.52 6.14 -16.21
CA ILE C 161 6.26 6.91 -16.03
C ILE C 161 6.25 7.55 -14.64
N LEU C 162 6.72 6.82 -13.61
CA LEU C 162 6.82 7.47 -12.26
C LEU C 162 7.71 8.72 -12.34
N GLU C 163 8.76 8.67 -13.15
CA GLU C 163 9.58 9.85 -13.30
C GLU C 163 8.85 11.02 -14.05
N LEU C 164 8.12 10.69 -15.12
CA LEU C 164 7.32 11.72 -15.83
C LEU C 164 6.28 12.35 -14.93
N LEU C 165 5.72 11.56 -14.03
CA LEU C 165 4.68 12.08 -13.15
C LEU C 165 5.15 13.15 -12.18
N LYS C 166 6.44 13.31 -12.01
CA LYS C 166 6.95 14.44 -11.20
C LYS C 166 6.65 15.80 -11.87
N TYR C 167 6.59 15.82 -13.20
CA TYR C 167 6.42 17.06 -13.97
C TYR C 167 5.17 17.14 -14.85
N HIS C 168 4.43 16.04 -14.94
CA HIS C 168 3.24 15.97 -15.79
C HIS C 168 2.09 15.48 -15.01
N GLN C 169 0.97 16.19 -15.08
CA GLN C 169 -0.20 15.81 -14.36
C GLN C 169 -0.86 14.53 -14.93
N ARG C 170 -0.91 14.42 -16.27
CA ARG C 170 -1.53 13.27 -16.94
C ARG C 170 -0.58 12.70 -17.96
N VAL C 171 -0.39 11.37 -17.86
CA VAL C 171 0.52 10.68 -18.80
C VAL C 171 -0.30 9.62 -19.54
N LEU C 172 -0.13 9.53 -20.86
CA LEU C 172 -0.86 8.53 -21.62
C LEU C 172 0.14 7.48 -22.09
N TYR C 173 -0.16 6.22 -21.80
CA TYR C 173 0.71 5.08 -22.20
C TYR C 173 -0.05 4.34 -23.30
N ILE C 174 0.60 4.10 -24.44
CA ILE C 174 -0.07 3.36 -25.50
C ILE C 174 0.79 2.17 -25.85
N ASP C 175 0.17 1.02 -26.04
CA ASP C 175 0.91 -0.23 -26.13
C ASP C 175 0.48 -1.04 -27.38
N ILE C 176 1.37 -1.14 -28.38
CA ILE C 176 1.02 -1.86 -29.65
C ILE C 176 1.81 -3.11 -29.79
N ASP C 177 2.52 -3.52 -28.72
CA ASP C 177 2.94 -4.95 -28.66
C ASP C 177 1.78 -5.87 -28.82
N ILE C 178 1.97 -7.06 -29.41
CA ILE C 178 0.84 -7.99 -29.58
C ILE C 178 0.23 -8.47 -28.23
N HIS C 179 1.05 -8.41 -27.16
CA HIS C 179 0.59 -8.89 -25.85
C HIS C 179 -0.02 -7.74 -25.01
N HIS C 180 -0.90 -8.10 -24.08
CA HIS C 180 -1.49 -7.08 -23.19
C HIS C 180 -0.34 -6.56 -22.28
N GLY C 181 -0.19 -5.24 -22.16
CA GLY C 181 0.81 -4.70 -21.25
C GLY C 181 0.33 -4.76 -19.78
N ASP C 182 0.29 -5.96 -19.24
CA ASP C 182 -0.39 -6.18 -17.97
C ASP C 182 0.39 -5.55 -16.79
N GLY C 183 1.73 -5.59 -16.81
CA GLY C 183 2.47 -4.96 -15.66
C GLY C 183 2.21 -3.48 -15.52
N VAL C 184 2.12 -2.80 -16.67
CA VAL C 184 1.94 -1.35 -16.69
C VAL C 184 0.50 -1.05 -16.27
N GLU C 185 -0.43 -1.77 -16.87
CA GLU C 185 -1.83 -1.61 -16.51
C GLU C 185 -2.03 -1.78 -15.01
N GLU C 186 -1.45 -2.83 -14.44
CA GLU C 186 -1.65 -3.11 -12.99
C GLU C 186 -1.04 -2.02 -12.13
N ALA C 187 0.13 -1.51 -12.49
CA ALA C 187 0.78 -0.42 -11.71
C ALA C 187 -0.10 0.80 -11.57
N PHE C 188 -0.86 1.10 -12.63
CA PHE C 188 -1.63 2.34 -12.67
C PHE C 188 -3.13 2.14 -12.62
N TYR C 189 -3.57 0.92 -12.30
CA TYR C 189 -4.97 0.53 -12.42
C TYR C 189 -5.90 1.40 -11.57
N THR C 190 -5.37 2.01 -10.49
CA THR C 190 -6.34 2.80 -9.65
C THR C 190 -6.07 4.25 -9.68
N THR C 191 -5.30 4.71 -10.67
CA THR C 191 -5.11 6.14 -10.79
C THR C 191 -5.64 6.71 -12.08
N ASP C 192 -6.06 7.98 -12.00
CA ASP C 192 -6.40 8.73 -13.21
C ASP C 192 -5.26 9.55 -13.76
N ARG C 193 -4.07 9.44 -13.16
CA ARG C 193 -2.96 10.27 -13.65
C ARG C 193 -2.19 9.57 -14.75
N VAL C 194 -2.49 8.29 -14.95
CA VAL C 194 -1.91 7.58 -16.07
C VAL C 194 -3.08 6.85 -16.73
N MET C 195 -3.27 7.10 -18.04
CA MET C 195 -4.25 6.32 -18.80
C MET C 195 -3.49 5.26 -19.62
N THR C 196 -3.90 4.01 -19.52
CA THR C 196 -3.16 2.95 -20.29
C THR C 196 -4.09 2.46 -21.39
N VAL C 197 -3.56 2.33 -22.61
CA VAL C 197 -4.36 1.87 -23.75
C VAL C 197 -3.57 0.77 -24.42
N SER C 198 -4.10 -0.43 -24.38
CA SER C 198 -3.43 -1.58 -24.99
C SER C 198 -4.30 -2.20 -26.08
N PHE C 199 -3.65 -2.37 -27.23
CA PHE C 199 -4.21 -3.24 -28.30
C PHE C 199 -3.48 -4.56 -28.29
N HIS C 200 -4.19 -5.68 -28.26
CA HIS C 200 -3.50 -6.98 -28.12
C HIS C 200 -4.33 -8.14 -28.53
N LYS C 201 -3.65 -9.23 -28.86
CA LYS C 201 -4.33 -10.48 -29.00
C LYS C 201 -4.87 -10.98 -27.70
N TYR C 202 -6.12 -11.43 -27.73
CA TYR C 202 -6.77 -11.90 -26.52
C TYR C 202 -7.53 -13.22 -26.75
N GLY C 203 -7.37 -14.18 -25.85
CA GLY C 203 -8.11 -15.46 -25.94
C GLY C 203 -7.16 -16.63 -26.07
N GLU C 204 -7.02 -17.42 -25.02
CA GLU C 204 -6.01 -18.53 -25.07
C GLU C 204 -4.64 -18.00 -25.54
N TYR C 205 -4.21 -16.91 -24.93
CA TYR C 205 -2.95 -16.28 -25.37
C TYR C 205 -2.32 -15.57 -24.11
N PHE C 206 -1.00 -15.54 -24.05
CA PHE C 206 -0.31 -14.85 -22.91
C PHE C 206 -0.59 -13.36 -22.96
N PRO C 207 -0.75 -12.70 -21.81
CA PRO C 207 -0.67 -13.28 -20.47
C PRO C 207 -2.04 -13.71 -19.96
N GLY C 208 -3.09 -13.41 -20.72
CA GLY C 208 -4.45 -13.86 -20.29
C GLY C 208 -5.37 -12.78 -19.80
N THR C 209 -4.85 -11.57 -19.67
CA THR C 209 -5.59 -10.41 -19.12
C THR C 209 -5.88 -9.42 -20.24
N GLY C 210 -6.50 -8.28 -19.94
CA GLY C 210 -6.76 -7.32 -20.99
C GLY C 210 -8.10 -7.52 -21.68
N ASP C 211 -9.08 -7.93 -20.88
CA ASP C 211 -10.48 -8.07 -21.35
C ASP C 211 -11.04 -6.70 -21.61
N LEU C 212 -11.97 -6.60 -22.59
CA LEU C 212 -12.71 -5.37 -22.83
C LEU C 212 -13.29 -4.77 -21.52
N ARG C 213 -13.72 -5.65 -20.60
CA ARG C 213 -14.38 -5.15 -19.32
C ARG C 213 -13.40 -4.61 -18.27
N ASP C 214 -12.09 -4.79 -18.48
CA ASP C 214 -11.10 -4.30 -17.49
C ASP C 214 -10.84 -2.82 -17.75
N ILE C 215 -11.46 -1.92 -16.97
CA ILE C 215 -11.46 -0.49 -17.31
C ILE C 215 -10.86 0.30 -16.17
N GLY C 216 -10.28 -0.38 -15.17
CA GLY C 216 -9.67 0.42 -14.08
C GLY C 216 -10.57 0.36 -12.84
N ALA C 217 -10.07 0.89 -11.72
CA ALA C 217 -10.87 0.85 -10.47
C ALA C 217 -10.60 2.10 -9.61
N GLY C 218 -11.48 2.40 -8.66
CA GLY C 218 -11.23 3.57 -7.82
C GLY C 218 -11.25 4.81 -8.69
N LYS C 219 -10.36 5.77 -8.39
CA LYS C 219 -10.17 6.97 -9.19
C LYS C 219 -9.72 6.64 -10.63
N GLY C 220 -9.26 5.40 -10.84
CA GLY C 220 -8.73 4.97 -12.14
C GLY C 220 -9.86 4.33 -13.00
N LYS C 221 -11.09 4.30 -12.51
CA LYS C 221 -12.14 3.68 -13.32
C LYS C 221 -12.34 4.54 -14.61
N TYR C 222 -12.36 3.85 -15.76
CA TYR C 222 -12.34 4.41 -17.10
C TYR C 222 -10.97 4.86 -17.58
N TYR C 223 -9.87 4.69 -16.80
CA TYR C 223 -8.57 5.15 -17.30
C TYR C 223 -7.70 3.97 -17.65
N ALA C 224 -8.28 2.78 -17.85
CA ALA C 224 -7.56 1.69 -18.47
C ALA C 224 -8.44 1.31 -19.69
N VAL C 225 -7.84 1.12 -20.87
CA VAL C 225 -8.61 0.84 -22.13
C VAL C 225 -7.95 -0.36 -22.79
N ASN C 226 -8.76 -1.37 -23.09
CA ASN C 226 -8.22 -2.57 -23.67
C ASN C 226 -9.01 -2.86 -24.97
N PHE C 227 -8.28 -3.14 -26.04
CA PHE C 227 -8.90 -3.53 -27.33
C PHE C 227 -8.40 -4.96 -27.67
N PRO C 228 -9.15 -5.98 -27.27
CA PRO C 228 -8.79 -7.37 -27.48
C PRO C 228 -9.09 -7.79 -28.95
N MET C 229 -8.12 -8.40 -29.57
CA MET C 229 -8.20 -8.81 -30.96
C MET C 229 -8.01 -10.29 -31.14
N ARG C 230 -8.45 -10.79 -32.29
CA ARG C 230 -8.14 -12.16 -32.66
C ARG C 230 -6.96 -12.22 -33.67
N ASP C 231 -6.60 -13.42 -34.08
CA ASP C 231 -5.46 -13.61 -35.00
C ASP C 231 -5.65 -12.91 -36.34
N GLY C 232 -4.56 -12.46 -36.94
CA GLY C 232 -4.56 -12.10 -38.36
C GLY C 232 -4.91 -10.68 -38.72
N ILE C 233 -4.98 -9.82 -37.70
CA ILE C 233 -5.29 -8.43 -38.03
C ILE C 233 -4.26 -7.87 -38.97
N ASP C 234 -4.71 -7.01 -39.90
CA ASP C 234 -3.84 -6.47 -40.97
C ASP C 234 -3.79 -4.97 -40.90
N ASP C 235 -2.94 -4.36 -41.72
CA ASP C 235 -2.69 -2.91 -41.66
C ASP C 235 -3.97 -2.10 -41.74
N GLU C 236 -4.88 -2.47 -42.64
CA GLU C 236 -6.06 -1.62 -42.78
C GLU C 236 -7.03 -1.72 -41.58
N SER C 237 -7.34 -2.93 -41.12
N SER C 237 -7.27 -2.95 -41.12
CA SER C 237 -8.22 -3.11 -39.97
CA SER C 237 -8.14 -3.30 -39.98
C SER C 237 -7.60 -2.40 -38.73
C SER C 237 -7.64 -2.67 -38.67
N TYR C 238 -6.31 -2.61 -38.53
CA TYR C 238 -5.65 -2.02 -37.34
C TYR C 238 -5.65 -0.50 -37.38
N GLY C 239 -5.31 0.09 -38.53
CA GLY C 239 -5.15 1.53 -38.58
C GLY C 239 -6.49 2.25 -38.49
N GLN C 240 -7.53 1.55 -38.91
CA GLN C 240 -8.93 2.08 -38.82
C GLN C 240 -9.49 2.05 -37.39
N ILE C 241 -8.88 1.26 -36.52
CA ILE C 241 -9.28 1.32 -35.10
C ILE C 241 -8.35 2.19 -34.24
N PHE C 242 -7.06 2.20 -34.58
CA PHE C 242 -6.04 2.92 -33.84
C PHE C 242 -6.25 4.42 -33.87
N LYS C 243 -6.38 5.00 -35.06
CA LYS C 243 -6.48 6.43 -35.16
C LYS C 243 -7.75 7.01 -34.47
N PRO C 244 -8.94 6.46 -34.73
CA PRO C 244 -10.14 7.01 -34.04
C PRO C 244 -10.06 6.84 -32.50
N ILE C 245 -9.58 5.69 -32.02
CA ILE C 245 -9.46 5.49 -30.56
C ILE C 245 -8.46 6.47 -29.96
N ILE C 246 -7.26 6.59 -30.51
CA ILE C 246 -6.26 7.45 -29.91
C ILE C 246 -6.73 8.90 -30.04
N SER C 247 -7.33 9.26 -31.20
CA SER C 247 -7.91 10.63 -31.28
C SER C 247 -8.88 10.97 -30.19
N LYS C 248 -9.74 10.03 -29.84
CA LYS C 248 -10.75 10.29 -28.84
C LYS C 248 -10.07 10.32 -27.48
N VAL C 249 -9.11 9.43 -27.26
CA VAL C 249 -8.38 9.48 -25.95
C VAL C 249 -7.69 10.81 -25.75
N MET C 250 -7.03 11.31 -26.80
CA MET C 250 -6.32 12.61 -26.71
C MET C 250 -7.29 13.75 -26.36
N GLU C 251 -8.46 13.72 -26.99
CA GLU C 251 -9.49 14.72 -26.76
C GLU C 251 -10.06 14.66 -25.35
N MET C 252 -10.42 13.46 -24.85
CA MET C 252 -11.09 13.30 -23.57
C MET C 252 -10.07 13.41 -22.42
N TYR C 253 -8.84 12.87 -22.61
CA TYR C 253 -7.89 12.76 -21.47
C TYR C 253 -6.89 13.93 -21.41
N GLN C 254 -6.60 14.54 -22.56
CA GLN C 254 -5.65 15.66 -22.68
C GLN C 254 -4.35 15.46 -21.88
N PRO C 255 -3.55 14.47 -22.26
CA PRO C 255 -2.33 14.20 -21.49
C PRO C 255 -1.27 15.24 -21.78
N SER C 256 -0.22 15.34 -20.96
CA SER C 256 0.82 16.28 -21.30
C SER C 256 2.11 15.59 -21.69
N ALA C 257 2.12 14.27 -21.62
CA ALA C 257 3.21 13.46 -22.11
C ALA C 257 2.69 12.09 -22.52
N VAL C 258 3.40 11.45 -23.42
CA VAL C 258 2.94 10.17 -23.94
C VAL C 258 4.12 9.18 -23.96
N VAL C 259 3.81 7.93 -23.65
CA VAL C 259 4.83 6.88 -23.69
C VAL C 259 4.25 5.83 -24.63
N LEU C 260 5.02 5.46 -25.65
CA LEU C 260 4.54 4.56 -26.67
C LEU C 260 5.44 3.32 -26.66
N GLN C 261 4.85 2.15 -26.33
CA GLN C 261 5.56 0.90 -26.36
C GLN C 261 5.33 0.34 -27.76
N CYS C 262 6.42 0.14 -28.52
CA CYS C 262 6.37 -0.25 -29.98
C CYS C 262 6.77 -1.69 -30.20
N GLY C 263 6.27 -2.62 -29.38
CA GLY C 263 6.66 -4.02 -29.47
C GLY C 263 6.40 -4.49 -30.91
N ALA C 264 7.42 -5.11 -31.50
CA ALA C 264 7.40 -5.52 -32.89
C ALA C 264 6.92 -6.98 -33.08
N ASP C 265 6.44 -7.63 -32.02
CA ASP C 265 5.88 -8.96 -32.16
C ASP C 265 4.46 -8.96 -32.76
N SER C 266 3.97 -7.78 -33.06
CA SER C 266 2.68 -7.64 -33.72
C SER C 266 2.86 -7.63 -35.25
N LEU C 267 4.11 -7.81 -35.71
CA LEU C 267 4.44 -7.86 -37.14
C LEU C 267 4.12 -9.23 -37.78
N SER C 268 3.66 -9.18 -39.03
CA SER C 268 3.48 -10.38 -39.84
C SER C 268 4.82 -11.13 -39.83
N GLY C 269 4.72 -12.44 -39.67
CA GLY C 269 5.89 -13.31 -39.71
C GLY C 269 6.64 -13.45 -38.40
N ASP C 270 6.06 -12.87 -37.31
CA ASP C 270 6.75 -12.97 -36.05
C ASP C 270 6.78 -14.39 -35.60
N ARG C 271 7.92 -14.83 -35.03
CA ARG C 271 8.03 -16.21 -34.53
C ARG C 271 6.98 -16.63 -33.48
N LEU C 272 6.57 -15.68 -32.63
CA LEU C 272 5.65 -16.07 -31.52
C LEU C 272 4.29 -15.36 -31.72
N GLY C 273 4.28 -14.30 -32.54
CA GLY C 273 3.03 -13.55 -32.73
C GLY C 273 2.15 -14.03 -33.88
N CYS C 274 0.87 -13.64 -33.84
N CYS C 274 0.88 -13.65 -33.88
CA CYS C 274 -0.13 -14.07 -34.84
CA CYS C 274 -0.02 -14.06 -34.96
C CYS C 274 -0.80 -12.93 -35.60
C CYS C 274 -0.85 -12.90 -35.50
N PHE C 275 -0.23 -11.72 -35.59
CA PHE C 275 -0.80 -10.60 -36.32
C PHE C 275 -0.18 -10.49 -37.73
N ASN C 276 -0.79 -9.67 -38.58
CA ASN C 276 -0.37 -9.55 -39.97
C ASN C 276 -0.03 -8.13 -40.34
N LEU C 277 0.57 -7.35 -39.42
CA LEU C 277 0.92 -5.98 -39.77
C LEU C 277 2.23 -5.92 -40.55
N THR C 278 2.37 -4.91 -41.41
CA THR C 278 3.69 -4.62 -42.04
C THR C 278 4.40 -3.56 -41.22
N VAL C 279 5.65 -3.29 -41.59
CA VAL C 279 6.41 -2.21 -40.98
C VAL C 279 5.68 -0.89 -41.17
N LYS C 280 5.13 -0.66 -42.38
CA LYS C 280 4.42 0.62 -42.58
C LYS C 280 3.18 0.76 -41.72
N GLY C 281 2.47 -0.34 -41.53
CA GLY C 281 1.26 -0.35 -40.75
C GLY C 281 1.58 -0.16 -39.28
N HIS C 282 2.66 -0.80 -38.81
CA HIS C 282 3.06 -0.65 -37.42
C HIS C 282 3.47 0.80 -37.21
N ALA C 283 4.26 1.39 -38.12
CA ALA C 283 4.80 2.75 -37.97
C ALA C 283 3.76 3.84 -38.15
N LYS C 284 2.67 3.48 -38.78
CA LYS C 284 1.53 4.40 -38.90
C LYS C 284 1.09 4.86 -37.49
N CYS C 285 1.10 3.94 -36.51
CA CYS C 285 0.81 4.30 -35.12
C CYS C 285 1.72 5.41 -34.62
N VAL C 286 3.01 5.32 -34.91
CA VAL C 286 3.98 6.35 -34.47
C VAL C 286 3.62 7.72 -35.09
N GLU C 287 3.25 7.72 -36.37
CA GLU C 287 2.96 8.96 -37.10
C GLU C 287 1.75 9.59 -36.44
N VAL C 288 0.77 8.78 -36.10
CA VAL C 288 -0.47 9.29 -35.50
C VAL C 288 -0.17 9.95 -34.18
N VAL C 289 0.62 9.29 -33.31
CA VAL C 289 0.91 9.85 -32.01
C VAL C 289 1.68 11.16 -32.15
N LYS C 290 2.60 11.20 -33.11
CA LYS C 290 3.38 12.38 -33.36
C LYS C 290 2.58 13.64 -33.70
N THR C 291 1.43 13.47 -34.39
CA THR C 291 0.63 14.61 -34.84
C THR C 291 0.07 15.39 -33.67
N PHE C 292 0.13 14.85 -32.44
CA PHE C 292 -0.45 15.59 -31.30
C PHE C 292 0.55 16.48 -30.64
N ASN C 293 1.81 16.42 -31.08
CA ASN C 293 2.85 17.36 -30.65
C ASN C 293 3.16 17.40 -29.14
N LEU C 294 3.10 16.24 -28.51
CA LEU C 294 3.36 16.09 -27.05
C LEU C 294 4.72 15.42 -26.86
N PRO C 295 5.40 15.72 -25.72
CA PRO C 295 6.64 15.06 -25.30
C PRO C 295 6.42 13.53 -25.33
N LEU C 296 7.35 12.81 -25.94
CA LEU C 296 7.09 11.43 -26.29
C LEU C 296 8.32 10.58 -25.97
N LEU C 297 8.06 9.50 -25.23
CA LEU C 297 9.05 8.49 -25.00
C LEU C 297 8.64 7.26 -25.77
N MET C 298 9.49 6.84 -26.70
N MET C 298 9.51 6.83 -26.69
CA MET C 298 9.25 5.69 -27.55
CA MET C 298 9.26 5.68 -27.55
C MET C 298 10.14 4.53 -27.11
C MET C 298 10.14 4.52 -27.14
N LEU C 299 9.52 3.39 -26.79
CA LEU C 299 10.21 2.20 -26.21
C LEU C 299 10.03 0.98 -27.11
N GLY C 300 10.96 0.03 -26.99
CA GLY C 300 10.87 -1.25 -27.64
C GLY C 300 9.84 -2.17 -27.01
N GLY C 301 10.02 -3.46 -27.11
CA GLY C 301 9.03 -4.41 -26.55
C GLY C 301 9.42 -5.73 -27.19
N GLY C 302 8.41 -6.53 -27.52
CA GLY C 302 8.56 -7.95 -27.99
C GLY C 302 9.09 -7.91 -29.42
N GLY C 303 9.38 -9.07 -30.02
CA GLY C 303 9.86 -9.04 -31.44
C GLY C 303 10.83 -10.18 -31.56
N TYR C 304 10.48 -11.22 -32.34
CA TYR C 304 11.18 -12.51 -32.29
C TYR C 304 11.71 -12.95 -33.65
N THR C 305 11.33 -12.22 -34.69
CA THR C 305 11.93 -12.39 -36.06
C THR C 305 12.87 -11.23 -36.24
N ILE C 306 14.12 -11.45 -35.88
CA ILE C 306 14.92 -10.31 -35.56
C ILE C 306 15.25 -9.40 -36.73
N ARG C 307 15.34 -9.97 -37.96
CA ARG C 307 15.54 -9.10 -39.13
C ARG C 307 14.37 -8.10 -39.27
N ASN C 308 13.16 -8.58 -38.93
CA ASN C 308 11.95 -7.70 -39.05
C ASN C 308 11.87 -6.70 -37.90
N VAL C 309 12.31 -7.06 -36.70
CA VAL C 309 12.51 -6.02 -35.58
C VAL C 309 13.47 -4.92 -35.97
N ALA C 310 14.59 -5.29 -36.59
CA ALA C 310 15.53 -4.24 -37.00
C ALA C 310 14.91 -3.30 -38.03
N ARG C 311 14.18 -3.85 -38.99
CA ARG C 311 13.55 -2.99 -40.01
C ARG C 311 12.49 -2.05 -39.37
N CYS C 312 11.70 -2.67 -38.51
CA CYS C 312 10.56 -1.96 -37.85
C CYS C 312 11.10 -0.79 -37.06
N TRP C 313 12.06 -1.03 -36.14
CA TRP C 313 12.52 0.06 -35.30
C TRP C 313 13.37 1.12 -36.00
N THR C 314 14.10 0.70 -37.03
CA THR C 314 14.78 1.64 -37.93
C THR C 314 13.80 2.61 -38.59
N TYR C 315 12.74 2.07 -39.14
CA TYR C 315 11.75 2.87 -39.87
C TYR C 315 10.99 3.77 -38.90
N GLU C 316 10.68 3.23 -37.72
CA GLU C 316 10.08 4.08 -36.69
C GLU C 316 10.98 5.19 -36.16
N THR C 317 12.31 4.99 -36.14
CA THR C 317 13.25 6.06 -35.78
C THR C 317 13.21 7.13 -36.89
N ALA C 318 13.11 6.69 -38.15
CA ALA C 318 13.07 7.66 -39.24
C ALA C 318 11.77 8.48 -39.19
N VAL C 319 10.68 7.81 -38.80
CA VAL C 319 9.38 8.50 -38.67
C VAL C 319 9.53 9.57 -37.60
N ALA C 320 10.21 9.21 -36.50
CA ALA C 320 10.38 10.11 -35.35
C ALA C 320 11.11 11.36 -35.85
N LEU C 321 12.08 11.15 -36.76
CA LEU C 321 12.95 12.21 -37.23
C LEU C 321 12.35 12.98 -38.41
N ASP C 322 11.19 12.54 -38.90
CA ASP C 322 10.57 13.10 -40.12
C ASP C 322 11.52 12.94 -41.31
N CYS C 323 12.14 11.77 -41.43
N CYS C 323 12.15 11.78 -41.42
CA CYS C 323 13.03 11.45 -42.54
CA CYS C 323 13.02 11.45 -42.56
C CYS C 323 12.50 10.30 -43.41
C CYS C 323 12.49 10.29 -43.40
N GLU C 324 12.34 10.53 -44.70
CA GLU C 324 12.04 9.45 -45.65
C GLU C 324 13.34 8.71 -45.91
N ILE C 325 13.36 7.41 -45.66
CA ILE C 325 14.56 6.65 -45.93
C ILE C 325 14.23 5.67 -47.04
N PRO C 326 15.22 5.39 -47.92
CA PRO C 326 15.00 4.49 -49.06
C PRO C 326 14.65 3.10 -48.64
N ASN C 327 13.90 2.44 -49.51
CA ASN C 327 13.55 1.07 -49.35
C ASN C 327 14.71 0.11 -49.49
N GLU C 328 15.73 0.53 -50.22
CA GLU C 328 16.88 -0.34 -50.46
C GLU C 328 17.73 -0.17 -49.24
N LEU C 329 18.07 -1.29 -48.58
CA LEU C 329 18.85 -1.19 -47.34
C LEU C 329 20.27 -0.79 -47.62
N PRO C 330 20.87 0.11 -46.81
CA PRO C 330 22.30 0.40 -47.01
C PRO C 330 23.13 -0.78 -46.53
N TYR C 331 24.38 -0.83 -46.96
CA TYR C 331 25.24 -1.91 -46.52
C TYR C 331 25.35 -1.76 -44.98
N ASN C 332 25.45 -2.89 -44.26
CA ASN C 332 25.57 -2.91 -42.79
C ASN C 332 26.24 -4.22 -42.32
N ASP C 333 26.69 -4.24 -41.04
CA ASP C 333 27.33 -5.43 -40.42
C ASP C 333 26.52 -6.69 -40.46
N TYR C 334 25.20 -6.57 -40.71
CA TYR C 334 24.27 -7.69 -40.69
C TYR C 334 23.56 -7.89 -42.00
N PHE C 335 24.14 -7.32 -43.06
CA PHE C 335 23.50 -7.25 -44.35
C PHE C 335 22.92 -8.56 -44.81
N GLU C 336 23.64 -9.67 -44.64
CA GLU C 336 23.19 -10.96 -45.18
C GLU C 336 21.89 -11.46 -44.52
N TYR C 337 21.60 -10.98 -43.31
CA TYR C 337 20.39 -11.36 -42.57
C TYR C 337 19.09 -10.90 -43.26
N PHE C 338 19.23 -9.94 -44.17
CA PHE C 338 18.07 -9.28 -44.74
C PHE C 338 17.77 -9.76 -46.14
N GLY C 339 18.51 -10.78 -46.56
CA GLY C 339 18.34 -11.35 -47.89
C GLY C 339 17.05 -12.14 -47.94
N PRO C 340 16.64 -12.55 -49.13
CA PRO C 340 17.43 -12.35 -50.35
C PRO C 340 17.08 -11.04 -51.09
N ASP C 341 16.08 -10.33 -50.56
CA ASP C 341 15.59 -9.05 -51.12
C ASP C 341 16.40 -7.81 -50.75
N PHE C 342 16.90 -7.76 -49.50
CA PHE C 342 17.61 -6.60 -48.94
C PHE C 342 16.85 -5.27 -49.00
N LYS C 343 15.53 -5.37 -48.76
CA LYS C 343 14.62 -4.22 -48.72
C LYS C 343 14.24 -3.90 -47.26
N LEU C 344 13.85 -2.67 -47.03
CA LEU C 344 13.36 -2.23 -45.72
C LEU C 344 11.94 -2.75 -45.45
N HIS C 345 11.02 -2.53 -46.38
CA HIS C 345 9.62 -2.94 -46.13
C HIS C 345 9.32 -4.40 -46.35
N ILE C 346 8.33 -4.92 -45.62
CA ILE C 346 7.94 -6.34 -45.68
C ILE C 346 6.52 -6.53 -46.23
N SER C 347 6.27 -7.71 -46.78
CA SER C 347 4.96 -8.09 -47.32
C SER C 347 4.10 -8.76 -46.25
N PRO C 348 2.79 -8.44 -46.22
CA PRO C 348 1.96 -9.24 -45.31
C PRO C 348 1.91 -10.68 -45.80
N SER C 349 1.42 -11.59 -44.94
CA SER C 349 1.18 -12.97 -45.35
C SER C 349 -0.29 -13.12 -45.79
N ASN C 350 -0.65 -14.31 -46.24
CA ASN C 350 -2.03 -14.60 -46.64
C ASN C 350 -2.87 -15.16 -45.48
N MET C 351 -2.41 -14.98 -44.24
CA MET C 351 -3.14 -15.53 -43.14
C MET C 351 -4.53 -14.87 -43.05
N THR C 352 -5.49 -15.65 -42.58
CA THR C 352 -6.87 -15.17 -42.46
C THR C 352 -6.98 -14.10 -41.31
N ASN C 353 -7.64 -12.98 -41.58
CA ASN C 353 -7.96 -12.04 -40.51
C ASN C 353 -9.22 -12.51 -39.72
N GLN C 354 -9.09 -13.01 -38.48
CA GLN C 354 -10.25 -13.55 -37.77
C GLN C 354 -11.10 -12.49 -37.06
N ASN C 355 -10.70 -11.24 -37.15
CA ASN C 355 -11.48 -10.12 -36.60
C ASN C 355 -12.55 -9.72 -37.67
N THR C 356 -13.79 -10.04 -37.42
CA THR C 356 -14.84 -9.61 -38.35
C THR C 356 -15.10 -8.11 -38.20
N PRO C 357 -15.66 -7.47 -39.25
CA PRO C 357 -16.11 -6.09 -39.12
C PRO C 357 -17.09 -5.87 -37.98
N GLU C 358 -18.02 -6.81 -37.74
CA GLU C 358 -18.98 -6.66 -36.65
C GLU C 358 -18.25 -6.66 -35.30
N TYR C 359 -17.37 -7.62 -35.14
CA TYR C 359 -16.55 -7.70 -33.90
C TYR C 359 -15.81 -6.38 -33.64
N MET C 360 -15.10 -5.87 -34.65
CA MET C 360 -14.29 -4.63 -34.50
C MET C 360 -15.15 -3.43 -34.19
N GLU C 361 -16.31 -3.37 -34.83
CA GLU C 361 -17.17 -2.22 -34.65
C GLU C 361 -17.78 -2.25 -33.22
N LYS C 362 -18.18 -3.45 -32.78
CA LYS C 362 -18.77 -3.65 -31.44
C LYS C 362 -17.76 -3.23 -30.34
N ILE C 363 -16.50 -3.62 -30.53
CA ILE C 363 -15.45 -3.24 -29.53
C ILE C 363 -15.26 -1.71 -29.49
N LYS C 364 -15.05 -1.13 -30.68
CA LYS C 364 -14.80 0.30 -30.81
C LYS C 364 -15.95 1.09 -30.16
N GLN C 365 -17.17 0.64 -30.38
N GLN C 365 -17.17 0.60 -30.39
CA GLN C 365 -18.33 1.36 -29.84
CA GLN C 365 -18.42 1.22 -29.89
C GLN C 365 -18.35 1.30 -28.33
C GLN C 365 -18.43 1.25 -28.36
N ARG C 366 -18.00 0.14 -27.77
CA ARG C 366 -17.93 0.06 -26.30
C ARG C 366 -16.83 0.98 -25.79
N LEU C 367 -15.69 1.02 -26.46
CA LEU C 367 -14.62 1.90 -25.97
C LEU C 367 -15.00 3.35 -26.06
N PHE C 368 -15.69 3.74 -27.14
N PHE C 368 -15.71 3.72 -27.13
CA PHE C 368 -16.19 5.12 -27.21
CA PHE C 368 -16.23 5.07 -27.25
C PHE C 368 -17.16 5.44 -26.06
C PHE C 368 -17.18 5.43 -26.10
N GLU C 369 -18.02 4.47 -25.71
CA GLU C 369 -18.95 4.62 -24.57
C GLU C 369 -18.20 4.85 -23.26
N ASN C 370 -17.13 4.05 -23.06
CA ASN C 370 -16.28 4.23 -21.88
C ASN C 370 -15.52 5.56 -21.85
N LEU C 371 -15.02 6.00 -22.99
CA LEU C 371 -14.30 7.27 -23.05
C LEU C 371 -15.22 8.46 -22.77
N ARG C 372 -16.51 8.32 -23.08
CA ARG C 372 -17.51 9.36 -22.73
C ARG C 372 -17.81 9.50 -21.25
N MET C 373 -17.42 8.53 -20.46
CA MET C 373 -17.52 8.60 -19.00
C MET C 373 -16.40 9.38 -18.28
N LEU C 374 -15.41 9.86 -19.02
CA LEU C 374 -14.38 10.75 -18.46
C LEU C 374 -14.89 12.17 -18.15
N PRO C 375 -14.38 12.77 -17.05
CA PRO C 375 -14.46 14.22 -16.81
C PRO C 375 -14.06 15.03 -18.05
ZN ZN D . -18.71 -11.66 13.74
CA CA E . -14.16 -13.06 8.40
CA CA F . -4.62 -24.51 7.10
C10 A1L4X G . -17.78 -11.36 19.16
C12 A1L4X G . -18.67 -10.80 18.21
C18 A1L4X G . -20.80 -14.92 17.16
C19 A1L4X G . -20.88 -16.08 15.02
C20 A1L4X G . -19.31 -14.22 15.21
C21 A1L4X G . -19.83 -15.28 14.48
C14 A1L4X G . -19.03 -9.42 18.22
C15 A1L4X G . -19.23 -11.76 17.17
C16 A1L4X G . -19.76 -14.06 16.61
C17 A1L4X G . -21.31 -15.93 16.33
C9 A1L4X G . -17.53 -9.20 20.13
C8 A1L4X G . -16.95 -8.28 21.17
C24 A1L4X G . -23.77 -17.62 18.38
C25 A1L4X G . -22.61 -16.87 18.26
O2 A1L4X G . -19.79 -11.35 16.16
N3 A1L4X G . -19.23 -13.06 17.43
N4 A1L4X G . -18.26 -13.36 14.74
C22 A1L4X G . -22.40 -16.78 16.88
C23 A1L4X G . -24.25 -18.08 17.14
O3 A1L4X G . -23.37 -17.54 16.16
C11 A1L4X G . -17.21 -10.54 20.14
C13 A1L4X G . -18.44 -8.64 19.21
C7 A1L4X G . -16.48 -8.62 22.45
N1 A1L4X G . -16.93 -6.93 21.06
N2 A1L4X G . -16.40 -6.40 22.25
N A1L4X G . -16.12 -7.48 23.10
C1 EDO H . -8.09 -30.63 14.03
O1 EDO H . -8.33 -31.74 14.91
C2 EDO H . -6.65 -30.79 13.55
O2 EDO H . -6.68 -31.26 12.20
C1 EDO I . -8.91 -39.89 3.63
O1 EDO I . -9.12 -39.16 4.84
C2 EDO I . -8.56 -38.95 2.47
O2 EDO I . -9.71 -38.79 1.61
C1 EDO J . -25.59 -34.84 -6.34
O1 EDO J . -24.37 -34.67 -5.60
C2 EDO J . -26.69 -33.90 -5.84
O2 EDO J . -27.62 -34.60 -5.00
C1 EDO K . -9.97 -2.61 -6.06
O1 EDO K . -8.96 -1.61 -5.84
C2 EDO K . -11.30 -2.19 -5.44
O2 EDO K . -11.13 -1.19 -4.41
C1 PEG L . -35.72 -21.95 26.63
O1 PEG L . -35.27 -22.84 27.67
C2 PEG L . -35.23 -22.48 25.28
O2 PEG L . -36.21 -23.30 24.66
C3 PEG L . -35.76 -24.63 24.34
C4 PEG L . -36.88 -25.48 23.75
O4 PEG L . -37.91 -24.63 23.23
C1 PEG M . -22.82 -8.07 26.33
O1 PEG M . -22.87 -8.89 27.51
C2 PEG M . -21.54 -8.41 25.56
O2 PEG M . -21.38 -7.51 24.45
C3 PEG M . -19.99 -7.23 24.21
C4 PEG M . -19.83 -6.38 22.94
O4 PEG M . -20.77 -5.30 22.94
C1 PEG N . -38.57 -13.61 21.63
O1 PEG N . -38.62 -12.55 20.67
C2 PEG N . -37.34 -13.44 22.51
O2 PEG N . -37.04 -14.65 23.21
C3 PEG N . -36.75 -14.38 24.59
C4 PEG N . -37.66 -15.15 25.55
O4 PEG N . -38.02 -16.41 24.96
C1 PGE O . -37.10 -4.08 16.89
O1 PGE O . -37.14 -4.85 18.09
C2 PGE O . -38.53 -3.94 16.38
O2 PGE O . -38.48 -2.95 15.35
C3 PGE O . -39.73 -2.28 15.15
C4 PGE O . -39.47 -0.96 14.44
O4 PGE O . -36.21 0.81 12.30
C6 PGE O . -36.62 -0.55 12.14
C5 PGE O . -38.07 -0.68 12.55
O3 PGE O . -38.12 -0.89 13.94
ZN ZN P . 8.41 24.18 11.93
CA CA Q . 15.43 25.49 11.58
CA CA R . 24.42 31.19 22.10
C10 A1L4X S . 4.30 27.47 13.60
C12 A1L4X S . 4.48 26.38 12.74
C18 A1L4X S . 5.48 23.24 16.10
C19 A1L4X S . 7.67 22.03 16.53
C20 A1L4X S . 7.52 23.88 14.88
C21 A1L4X S . 8.26 22.92 15.55
C14 A1L4X S . 3.92 26.26 11.49
C15 A1L4X S . 5.29 25.21 13.24
C16 A1L4X S . 6.12 24.11 15.18
C17 A1L4X S . 6.29 22.25 16.78
C9 A1L4X S . 2.98 28.47 11.91
C8 A1L4X S . 2.19 29.65 11.41
C24 A1L4X S . 3.79 20.72 18.98
C25 A1L4X S . 4.32 21.77 18.27
O2 A1L4X S . 5.75 24.40 12.38
N3 A1L4X S . 5.41 25.14 14.55
N4 A1L4X S . 8.20 24.71 14.03
C22 A1L4X S . 5.51 21.40 17.71
C23 A1L4X S . 4.67 19.69 18.95
O3 A1L4X S . 5.76 20.11 18.10
C11 A1L4X S . 3.52 28.57 13.16
C13 A1L4X S . 3.18 27.38 11.06
C7 A1L4X S . 1.65 30.60 12.23
N1 A1L4X S . 1.95 29.91 10.10
N2 A1L4X S . 1.19 31.10 10.10
N A1L4X S . 1.03 31.50 11.44
C1 EDO T . -4.44 9.22 1.56
O1 EDO T . -4.92 8.25 2.50
C2 EDO T . -3.15 8.72 0.94
O2 EDO T . -2.36 9.89 0.60
C1 EDO U . 37.11 25.55 23.03
O1 EDO U . 38.49 25.20 23.12
C2 EDO U . 36.95 26.54 21.89
O2 EDO U . 35.54 26.78 21.72
C1 EDO V . -2.99 27.25 11.33
O1 EDO V . -1.65 27.76 11.06
C2 EDO V . -3.39 27.43 12.77
O2 EDO V . -4.78 27.10 12.97
C1 EDO W . 22.07 43.50 13.21
O1 EDO W . 21.96 44.29 14.41
C2 EDO W . 20.70 43.33 12.56
O2 EDO W . 20.70 44.01 11.31
C1 PEG X . -7.05 9.79 14.45
O1 PEG X . -7.32 8.40 14.26
C2 PEG X . -6.60 10.02 15.88
O2 PEG X . -7.13 11.25 16.38
C3 PEG X . -7.26 11.27 17.81
C4 PEG X . -8.47 12.04 18.27
O4 PEG X . -9.15 12.70 17.18
O1 PG4 Y . -9.44 14.49 28.45
C1 PG4 Y . -10.23 14.05 27.33
C2 PG4 Y . -9.36 13.26 26.35
O2 PG4 Y . -7.96 13.50 26.56
C3 PG4 Y . -7.23 13.09 25.41
C4 PG4 Y . -5.84 12.70 25.85
O3 PG4 Y . -5.86 11.34 26.27
C5 PG4 Y . -4.72 10.90 26.94
C6 PG4 Y . -5.15 9.64 27.68
O4 PG4 Y . -5.65 8.66 26.74
C7 PG4 Y . -5.90 7.35 27.28
C8 PG4 Y . -7.29 6.84 26.92
O5 PG4 Y . -7.43 6.54 25.52
ZN ZN Z . 4.90 -9.11 -26.71
CA CA AA . -0.35 -4.32 -26.49
CA CA BA . -4.97 4.12 -15.05
C10 A1L4X CA . 5.95 -13.91 -25.77
C12 A1L4X CA . 6.11 -12.98 -24.68
C18 A1L4X CA . 9.09 -9.36 -23.73
C19 A1L4X CA . 8.80 -6.95 -24.14
C20 A1L4X CA . 6.93 -8.52 -24.44
C21 A1L4X CA . 7.45 -7.25 -24.46
C14 A1L4X CA . 5.81 -13.40 -23.37
C15 A1L4X CA . 6.66 -11.62 -24.98
C16 A1L4X CA . 7.76 -9.67 -24.06
C17 A1L4X CA . 9.59 -8.06 -23.75
C9 A1L4X CA . 5.16 -15.57 -24.12
C8 A1L4X CA . 4.64 -16.95 -23.91
C24 A1L4X CA . 13.00 -8.48 -22.67
C25 A1L4X CA . 11.69 -8.89 -22.67
O2 A1L4X CA . 6.61 -11.02 -26.09
N3 A1L4X CA . 7.27 -10.93 -23.93
N4 A1L4X CA . 5.56 -8.73 -24.68
C22 A1L4X CA . 11.03 -7.94 -23.45
C23 A1L4X CA . 13.17 -7.32 -23.39
O3 A1L4X CA . 11.88 -6.99 -23.90
C11 A1L4X CA . 5.46 -15.16 -25.43
C13 A1L4X CA . 5.33 -14.68 -23.02
C7 A1L4X CA . 4.55 -17.64 -22.71
N1 A1L4X CA . 4.14 -17.74 -24.90
N2 A1L4X CA . 3.74 -18.94 -24.28
N A1L4X CA . 4.01 -18.84 -22.90
C1 EDO DA . 27.20 -9.80 -20.97
O1 EDO DA . 27.99 -8.80 -21.62
C2 EDO DA . 27.60 -11.21 -21.33
O2 EDO DA . 27.99 -11.89 -20.10
C1 GOL EA . 15.52 6.13 -3.23
O1 GOL EA . 15.95 6.81 -4.42
C2 GOL EA . 14.42 5.12 -3.54
O2 GOL EA . 14.29 5.11 -4.96
C3 GOL EA . 14.70 3.70 -3.05
O3 GOL EA . 15.42 3.59 -1.80
C1 PEG FA . 2.67 3.30 -7.95
O1 PEG FA . 3.43 4.26 -7.15
C2 PEG FA . 1.34 3.89 -8.42
O2 PEG FA . 1.50 5.29 -8.71
C3 PEG FA . 0.21 5.92 -8.86
C4 PEG FA . 0.46 7.29 -9.43
O4 PEG FA . 1.07 8.10 -8.40
O1 PG4 GA . 7.35 25.30 -12.49
C1 PG4 GA . 7.14 24.32 -11.47
C2 PG4 GA . 5.83 24.59 -10.76
O2 PG4 GA . 4.76 23.95 -11.47
C3 PG4 GA . 3.74 23.46 -10.58
C4 PG4 GA . 2.67 22.75 -11.39
O3 PG4 GA . 3.20 21.61 -12.09
C5 PG4 GA . 2.26 20.53 -12.15
C6 PG4 GA . 2.98 19.23 -12.49
O4 PG4 GA . 2.32 18.17 -11.81
C7 PG4 GA . 3.20 17.36 -11.08
C8 PG4 GA . 2.51 16.44 -10.08
O5 PG4 GA . 1.15 16.78 -9.84
#